data_7OI1
#
_entry.id   7OI1
#
_cell.length_a   102.360
_cell.length_b   140.210
_cell.length_c   86.850
_cell.angle_alpha   90.000
_cell.angle_beta   119.750
_cell.angle_gamma   90.000
#
_symmetry.space_group_name_H-M   'C 1 2 1'
#
loop_
_entity.id
_entity.type
_entity.pdbx_description
1 polymer 'Probable agmatinase 2'
2 non-polymer 'CHLORIDE ION'
3 non-polymer 'NICKEL (II) ION'
4 non-polymer 'CACODYLATE ION'
5 non-polymer 1,2-ETHANEDIOL
6 non-polymer DI(HYDROXYETHYL)ETHER
7 water water
#
_entity_poly.entity_id   1
_entity_poly.type   'polypeptide(L)'
_entity_poly.pdbx_seq_one_letter_code
;GAMSDATPFRPPSEAEEALIKETRLPLTGWQQEVDQGLTYGLEAAASIKDRSIPTFSRGELPHYAGINTFMKAPYLEDVR
EVGKYDVAIVGVPHDSGTTYRPGTRFGPQGIRRISALYTPYNFEMGVDLREQISLCDVGDIFTIPANNEKSFDQISKGIA
HIFSSGAFPIILGGDHSIGFPTVRGICRHLGDKKVGIIHFDRHVDTQETDLDERMHTCPWFHATNMANAPAKNLVQLGIG
GWQVPRQGVKVCRERATNILTVTDITEMSLDAAADFAIARATDGTDCVWISFDIDCIDAGFVPGTGWPEPGGLLPREALY
LLKRIIRETNVCGMEVVEVSPPYDISDMTSLMATRVICDTMAHLVVSGQLPRTEKPAYIHAEANMAVDEPWQ
;
_entity_poly.pdbx_strand_id   A,B,C
#
loop_
_chem_comp.id
_chem_comp.type
_chem_comp.name
_chem_comp.formula
CAC non-polymer 'CACODYLATE ION' 'C2 H6 As O2 -1'
CL non-polymer 'CHLORIDE ION' 'Cl -1'
EDO non-polymer 1,2-ETHANEDIOL 'C2 H6 O2'
NI non-polymer 'NICKEL (II) ION' 'Ni 2'
PEG non-polymer DI(HYDROXYETHYL)ETHER 'C4 H10 O3'
#
# COMPACT_ATOMS: atom_id res chain seq x y z
N PRO A 11 -50.35 -17.81 -2.71
CA PRO A 11 -49.41 -17.03 -1.90
C PRO A 11 -48.53 -16.11 -2.75
N PRO A 12 -48.19 -14.94 -2.21
CA PRO A 12 -47.41 -13.97 -2.98
C PRO A 12 -45.93 -14.35 -3.06
N SER A 13 -45.35 -14.09 -4.24
CA SER A 13 -43.93 -14.32 -4.44
C SER A 13 -43.11 -13.29 -3.65
N GLU A 14 -41.84 -13.62 -3.45
CA GLU A 14 -40.96 -12.65 -2.80
C GLU A 14 -40.89 -11.35 -3.61
N ALA A 15 -40.93 -11.45 -4.94
CA ALA A 15 -40.87 -10.26 -5.77
C ALA A 15 -42.12 -9.41 -5.59
N GLU A 16 -43.29 -10.04 -5.55
CA GLU A 16 -44.51 -9.28 -5.34
C GLU A 16 -44.50 -8.59 -3.99
N GLU A 17 -44.05 -9.30 -2.94
CA GLU A 17 -43.94 -8.67 -1.62
C GLU A 17 -42.94 -7.53 -1.63
N ALA A 18 -41.84 -7.70 -2.36
CA ALA A 18 -40.81 -6.66 -2.42
C ALA A 18 -41.36 -5.37 -3.00
N LEU A 19 -42.22 -5.47 -4.03
CA LEU A 19 -42.79 -4.27 -4.63
C LEU A 19 -43.69 -3.53 -3.64
N ILE A 20 -44.42 -4.29 -2.82
CA ILE A 20 -45.28 -3.67 -1.81
C ILE A 20 -44.45 -3.10 -0.66
N LYS A 21 -43.44 -3.84 -0.21
CA LYS A 21 -42.61 -3.35 0.89
C LYS A 21 -41.93 -2.04 0.51
N GLU A 22 -41.55 -1.86 -0.76
CA GLU A 22 -40.88 -0.63 -1.15
C GLU A 22 -41.77 0.58 -0.98
N THR A 23 -43.09 0.44 -1.23
CA THR A 23 -43.98 1.59 -1.10
C THR A 23 -44.08 2.06 0.33
N ARG A 24 -43.74 1.21 1.30
CA ARG A 24 -43.83 1.59 2.70
C ARG A 24 -42.62 2.34 3.19
N LEU A 25 -41.57 2.39 2.41
CA LEU A 25 -40.36 3.06 2.83
C LEU A 25 -40.47 4.54 2.53
N PRO A 26 -40.02 5.40 3.43
CA PRO A 26 -40.03 6.83 3.16
C PRO A 26 -38.89 7.21 2.20
N LEU A 27 -38.86 8.48 1.83
CA LEU A 27 -37.76 9.04 1.07
C LEU A 27 -37.20 10.29 1.75
N THR A 28 -37.54 10.52 3.02
CA THR A 28 -37.03 11.70 3.72
C THR A 28 -35.52 11.63 3.88
N GLY A 29 -35.00 10.43 4.17
CA GLY A 29 -33.56 10.28 4.27
C GLY A 29 -32.88 10.58 2.95
N TRP A 30 -33.47 10.12 1.83
CA TRP A 30 -32.91 10.43 0.52
C TRP A 30 -32.98 11.92 0.24
N GLN A 31 -34.13 12.55 0.51
CA GLN A 31 -34.26 13.98 0.24
C GLN A 31 -33.29 14.78 1.10
N GLN A 32 -33.09 14.37 2.36
CA GLN A 32 -32.15 15.07 3.22
C GLN A 32 -30.74 14.99 2.67
N GLU A 33 -30.35 13.82 2.15
CA GLU A 33 -29.07 13.67 1.46
C GLU A 33 -28.96 14.61 0.28
N VAL A 34 -30.04 14.71 -0.52
CA VAL A 34 -30.02 15.56 -1.70
C VAL A 34 -29.80 17.00 -1.29
N ASP A 35 -30.51 17.44 -0.27
CA ASP A 35 -30.44 18.84 0.17
C ASP A 35 -29.08 19.19 0.76
N GLN A 36 -28.51 18.31 1.59
CA GLN A 36 -27.14 18.52 2.04
C GLN A 36 -26.18 18.57 0.87
N GLY A 37 -26.37 17.67 -0.10
CA GLY A 37 -25.47 17.63 -1.25
C GLY A 37 -25.44 18.93 -2.03
N LEU A 38 -26.61 19.50 -2.28
CA LEU A 38 -26.71 20.77 -2.99
C LEU A 38 -26.14 21.93 -2.18
N THR A 39 -26.29 21.87 -0.85
CA THR A 39 -25.74 22.93 -0.01
C THR A 39 -24.22 22.85 0.04
N TYR A 40 -23.69 21.67 0.32
CA TYR A 40 -22.26 21.47 0.51
C TYR A 40 -21.52 21.29 -0.81
N GLY A 41 -22.20 20.87 -1.87
CA GLY A 41 -21.52 20.55 -3.13
C GLY A 41 -21.97 21.41 -4.29
N LEU A 42 -22.77 22.45 -3.99
CA LEU A 42 -23.30 23.44 -4.93
C LEU A 42 -24.36 22.83 -5.82
N GLU A 43 -25.23 23.65 -6.42
CA GLU A 43 -26.12 23.11 -7.43
C GLU A 43 -25.33 22.81 -8.70
N ALA A 44 -25.89 21.94 -9.53
CA ALA A 44 -25.22 21.50 -10.73
C ALA A 44 -25.15 22.62 -11.76
N ALA A 45 -24.29 22.43 -12.76
CA ALA A 45 -24.21 23.38 -13.86
C ALA A 45 -25.54 23.45 -14.61
N ALA A 46 -25.68 24.49 -15.41
CA ALA A 46 -26.98 24.80 -16.03
C ALA A 46 -27.48 23.70 -16.95
N SER A 47 -26.57 22.91 -17.54
CA SER A 47 -26.96 21.92 -18.55
C SER A 47 -27.53 20.64 -17.95
N ILE A 48 -27.47 20.47 -16.64
CA ILE A 48 -27.97 19.26 -15.98
C ILE A 48 -29.46 19.42 -15.73
N LYS A 49 -30.26 18.47 -16.23
CA LYS A 49 -31.72 18.55 -16.07
C LYS A 49 -32.14 18.18 -14.65
N ASP A 50 -31.61 17.08 -14.12
CA ASP A 50 -31.97 16.60 -12.80
C ASP A 50 -31.35 17.50 -11.75
N ARG A 51 -32.16 18.36 -11.13
CA ARG A 51 -31.65 19.36 -10.21
C ARG A 51 -31.42 18.82 -8.79
N SER A 52 -31.50 17.50 -8.58
CA SER A 52 -30.99 16.92 -7.35
C SER A 52 -29.49 16.66 -7.43
N ILE A 53 -28.89 16.91 -8.59
CA ILE A 53 -27.47 16.66 -8.80
C ILE A 53 -26.68 17.89 -8.35
N PRO A 54 -25.65 17.73 -7.54
CA PRO A 54 -24.77 18.85 -7.19
C PRO A 54 -23.62 18.97 -8.20
N THR A 55 -22.83 20.04 -8.03
CA THR A 55 -21.59 20.11 -8.80
C THR A 55 -20.58 19.12 -8.26
N PHE A 56 -20.42 19.06 -6.94
CA PHE A 56 -19.48 18.17 -6.27
C PHE A 56 -20.23 16.99 -5.66
N SER A 57 -19.76 15.78 -5.94
CA SER A 57 -20.36 14.58 -5.37
C SER A 57 -20.37 14.64 -3.85
N ARG A 58 -21.56 14.52 -3.27
CA ARG A 58 -21.74 14.61 -1.82
C ARG A 58 -22.85 13.62 -1.47
N GLY A 59 -22.47 12.39 -1.11
CA GLY A 59 -23.45 11.36 -0.82
C GLY A 59 -23.21 10.14 -1.67
N GLU A 60 -24.31 9.42 -1.97
CA GLU A 60 -24.22 8.13 -2.63
C GLU A 60 -23.67 8.23 -4.04
N LEU A 61 -24.08 9.24 -4.80
CA LEU A 61 -23.82 9.27 -6.23
C LEU A 61 -22.75 10.30 -6.60
N PRO A 62 -21.96 10.03 -7.65
CA PRO A 62 -21.95 8.76 -8.38
C PRO A 62 -21.27 7.67 -7.57
N HIS A 63 -21.62 6.41 -7.83
CA HIS A 63 -21.07 5.32 -7.05
C HIS A 63 -19.57 5.21 -7.20
N TYR A 64 -19.06 5.48 -8.41
CA TYR A 64 -17.62 5.37 -8.66
C TYR A 64 -16.83 6.54 -8.09
N ALA A 65 -17.50 7.56 -7.56
CA ALA A 65 -16.86 8.78 -7.11
C ALA A 65 -16.89 8.89 -5.59
N GLY A 66 -16.18 9.89 -5.09
CA GLY A 66 -16.31 10.28 -3.70
C GLY A 66 -15.32 9.59 -2.79
N ILE A 67 -15.22 10.12 -1.57
CA ILE A 67 -14.37 9.55 -0.55
C ILE A 67 -15.01 8.26 -0.03
N ASN A 68 -14.21 7.20 0.09
CA ASN A 68 -14.75 5.86 0.29
C ASN A 68 -14.85 5.53 1.78
N THR A 69 -15.90 6.07 2.41
CA THR A 69 -16.38 5.47 3.66
C THR A 69 -17.25 4.27 3.31
N PHE A 70 -17.64 3.50 4.33
CA PHE A 70 -18.46 2.32 4.07
C PHE A 70 -19.83 2.75 3.55
N MET A 71 -20.23 2.23 2.38
CA MET A 71 -21.45 2.64 1.68
C MET A 71 -21.54 4.16 1.52
N LYS A 72 -20.40 4.85 1.58
CA LYS A 72 -20.38 6.31 1.60
C LYS A 72 -21.17 6.90 2.77
N ALA A 73 -21.26 6.16 3.86
CA ALA A 73 -21.90 6.65 5.08
C ALA A 73 -21.11 7.84 5.63
N PRO A 74 -21.74 8.65 6.47
CA PRO A 74 -21.01 9.76 7.09
C PRO A 74 -19.80 9.29 7.88
N TYR A 75 -18.69 10.01 7.74
CA TYR A 75 -17.51 9.76 8.57
C TYR A 75 -17.65 10.50 9.88
N LEU A 76 -17.49 9.77 10.99
CA LEU A 76 -17.60 10.38 12.30
C LEU A 76 -16.19 10.61 12.83
N GLU A 77 -15.69 11.81 12.62
CA GLU A 77 -14.34 12.12 13.08
C GLU A 77 -14.26 12.09 14.59
N ASP A 78 -15.23 12.71 15.27
CA ASP A 78 -15.23 12.75 16.72
C ASP A 78 -15.90 11.49 17.22
N VAL A 79 -15.09 10.46 17.52
CA VAL A 79 -15.63 9.17 17.95
C VAL A 79 -16.32 9.23 19.31
N ARG A 80 -16.08 10.29 20.09
CA ARG A 80 -16.80 10.46 21.36
C ARG A 80 -18.30 10.66 21.15
N GLU A 81 -18.71 11.02 19.94
CA GLU A 81 -20.11 11.23 19.57
C GLU A 81 -20.75 9.96 19.01
N VAL A 82 -20.05 8.82 19.06
CA VAL A 82 -20.52 7.61 18.37
C VAL A 82 -21.87 7.16 18.90
N GLY A 83 -22.17 7.42 20.18
CA GLY A 83 -23.44 7.05 20.77
C GLY A 83 -24.64 7.67 20.09
N LYS A 84 -24.45 8.65 19.20
CA LYS A 84 -25.58 9.25 18.52
C LYS A 84 -26.05 8.43 17.32
N TYR A 85 -25.32 7.38 16.93
CA TYR A 85 -25.64 6.60 15.74
C TYR A 85 -26.12 5.22 16.14
N ASP A 86 -27.01 4.66 15.31
CA ASP A 86 -27.49 3.30 15.56
C ASP A 86 -26.42 2.24 15.29
N VAL A 87 -25.62 2.44 14.22
CA VAL A 87 -24.59 1.50 13.81
C VAL A 87 -23.30 2.26 13.58
N ALA A 88 -22.19 1.69 14.04
CA ALA A 88 -20.86 2.26 13.80
C ALA A 88 -20.01 1.21 13.10
N ILE A 89 -19.65 1.51 11.86
CA ILE A 89 -18.69 0.68 11.12
C ILE A 89 -17.30 1.05 11.60
N VAL A 90 -16.53 0.06 12.03
CA VAL A 90 -15.17 0.29 12.52
C VAL A 90 -14.23 -0.72 11.88
N GLY A 91 -13.15 -0.23 11.29
CA GLY A 91 -12.16 -1.10 10.68
C GLY A 91 -11.11 -1.51 11.70
N VAL A 92 -10.69 -2.76 11.61
CA VAL A 92 -9.62 -3.24 12.46
C VAL A 92 -8.55 -3.77 11.51
N PRO A 93 -7.69 -2.90 10.99
CA PRO A 93 -6.68 -3.27 9.97
C PRO A 93 -5.51 -4.00 10.63
N HIS A 94 -5.74 -5.27 10.91
CA HIS A 94 -4.87 -6.04 11.80
C HIS A 94 -4.58 -7.37 11.11
N ASP A 95 -3.31 -7.64 10.80
CA ASP A 95 -2.96 -8.98 10.32
C ASP A 95 -1.73 -9.54 11.01
N SER A 96 -1.46 -9.09 12.25
CA SER A 96 -0.38 -9.71 13.01
C SER A 96 -0.76 -11.10 13.52
N GLY A 97 -1.99 -11.53 13.32
CA GLY A 97 -2.38 -12.87 13.69
C GLY A 97 -2.41 -13.88 12.57
N THR A 98 -1.93 -13.54 11.36
CA THR A 98 -2.03 -14.43 10.22
C THR A 98 -0.90 -15.45 10.19
N THR A 99 -1.27 -16.72 10.00
CA THR A 99 -0.30 -17.81 10.00
C THR A 99 0.07 -18.28 8.60
N TYR A 100 -0.59 -17.76 7.56
CA TYR A 100 -0.15 -18.05 6.20
C TYR A 100 0.00 -16.72 5.46
N ARG A 101 -1.01 -16.32 4.68
CA ARG A 101 -0.91 -15.05 3.96
C ARG A 101 -1.28 -13.87 4.84
N PRO A 102 -0.49 -12.80 4.84
CA PRO A 102 -0.96 -11.54 5.42
C PRO A 102 -1.78 -10.79 4.38
N GLY A 103 -2.12 -9.54 4.64
CA GLY A 103 -2.87 -8.72 3.70
C GLY A 103 -4.25 -8.31 4.19
N THR A 104 -4.84 -9.06 5.13
CA THR A 104 -6.13 -8.63 5.64
C THR A 104 -6.06 -7.36 6.49
N ARG A 105 -4.86 -6.84 6.79
CA ARG A 105 -4.85 -5.47 7.31
C ARG A 105 -5.49 -4.49 6.32
N PHE A 106 -5.57 -4.84 5.03
CA PHE A 106 -6.27 -4.01 4.05
C PHE A 106 -7.73 -4.42 3.87
N GLY A 107 -8.20 -5.41 4.62
CA GLY A 107 -9.60 -5.78 4.60
C GLY A 107 -10.57 -4.61 4.68
N PRO A 108 -10.41 -3.74 5.67
CA PRO A 108 -11.33 -2.60 5.78
C PRO A 108 -11.31 -1.70 4.56
N GLN A 109 -10.15 -1.49 3.95
CA GLN A 109 -10.07 -0.66 2.75
C GLN A 109 -10.79 -1.33 1.58
N GLY A 110 -10.52 -2.61 1.36
CA GLY A 110 -11.20 -3.33 0.29
C GLY A 110 -12.70 -3.35 0.48
N ILE A 111 -13.16 -3.58 1.72
CA ILE A 111 -14.60 -3.59 1.97
C ILE A 111 -15.18 -2.21 1.73
N ARG A 112 -14.52 -1.17 2.25
CA ARG A 112 -14.99 0.18 1.99
C ARG A 112 -15.04 0.48 0.51
N ARG A 113 -13.99 0.07 -0.23
CA ARG A 113 -13.92 0.41 -1.65
C ARG A 113 -15.10 -0.18 -2.40
N ILE A 114 -15.31 -1.48 -2.27
CA ILE A 114 -16.38 -2.08 -3.07
C ILE A 114 -17.76 -1.76 -2.53
N SER A 115 -17.88 -1.33 -1.28
CA SER A 115 -19.20 -0.99 -0.76
C SER A 115 -19.80 0.24 -1.41
N ALA A 116 -19.00 1.04 -2.15
CA ALA A 116 -19.56 2.12 -2.95
C ALA A 116 -20.56 1.61 -3.98
N LEU A 117 -20.50 0.33 -4.30
CA LEU A 117 -21.38 -0.27 -5.28
C LEU A 117 -22.81 -0.36 -4.78
N TYR A 118 -23.02 -0.37 -3.47
CA TYR A 118 -24.32 -0.66 -2.89
C TYR A 118 -25.16 0.61 -2.71
N THR A 119 -26.48 0.46 -2.88
CA THR A 119 -27.42 1.44 -2.37
C THR A 119 -27.80 1.05 -0.96
N PRO A 120 -28.39 1.97 -0.19
CA PRO A 120 -28.85 1.62 1.16
C PRO A 120 -30.07 0.73 1.17
N TYR A 121 -30.57 0.34 0.01
CA TYR A 121 -31.86 -0.33 -0.09
C TYR A 121 -31.66 -1.76 -0.51
N ASN A 122 -32.31 -2.68 0.21
CA ASN A 122 -32.31 -4.11 -0.11
C ASN A 122 -33.68 -4.48 -0.64
N PHE A 123 -33.72 -5.00 -1.86
CA PHE A 123 -34.97 -5.27 -2.56
C PHE A 123 -35.84 -6.31 -1.84
N GLU A 124 -35.30 -7.52 -1.64
CA GLU A 124 -36.10 -8.61 -1.09
C GLU A 124 -36.67 -8.26 0.27
N MET A 125 -35.89 -7.57 1.11
CA MET A 125 -36.33 -7.33 2.48
C MET A 125 -37.12 -6.03 2.64
N GLY A 126 -37.15 -5.18 1.62
CA GLY A 126 -37.87 -3.93 1.76
C GLY A 126 -37.28 -3.05 2.83
N VAL A 127 -35.94 -3.04 2.93
CA VAL A 127 -35.22 -2.23 3.90
C VAL A 127 -34.51 -1.12 3.15
N ASP A 128 -34.51 0.08 3.73
CA ASP A 128 -33.66 1.16 3.24
C ASP A 128 -32.93 1.74 4.45
N LEU A 129 -31.64 1.45 4.55
CA LEU A 129 -30.87 1.86 5.73
C LEU A 129 -30.74 3.38 5.81
N ARG A 130 -30.79 4.07 4.68
CA ARG A 130 -30.77 5.52 4.73
C ARG A 130 -32.06 6.10 5.33
N GLU A 131 -33.17 5.37 5.26
CA GLU A 131 -34.43 5.84 5.80
C GLU A 131 -34.70 5.34 7.22
N GLN A 132 -34.08 4.25 7.64
CA GLN A 132 -34.51 3.53 8.84
C GLN A 132 -33.51 3.49 9.98
N ILE A 133 -32.23 3.76 9.73
CA ILE A 133 -31.22 3.83 10.79
C ILE A 133 -30.30 5.01 10.52
N SER A 134 -29.53 5.38 11.54
CA SER A 134 -28.38 6.27 11.38
C SER A 134 -27.12 5.43 11.40
N LEU A 135 -26.30 5.55 10.36
CA LEU A 135 -25.09 4.76 10.20
C LEU A 135 -23.91 5.70 10.08
N CYS A 136 -22.81 5.39 10.76
CA CYS A 136 -21.59 6.15 10.58
C CYS A 136 -20.41 5.20 10.39
N ASP A 137 -19.34 5.75 9.81
CA ASP A 137 -18.07 5.07 9.68
C ASP A 137 -17.09 5.81 10.58
N VAL A 138 -16.58 5.13 11.62
CA VAL A 138 -15.68 5.80 12.56
C VAL A 138 -14.23 5.60 12.14
N GLY A 139 -14.00 5.04 10.96
CA GLY A 139 -12.64 4.78 10.54
C GLY A 139 -12.07 3.52 11.16
N ASP A 140 -10.77 3.54 11.44
CA ASP A 140 -10.02 2.35 11.80
C ASP A 140 -9.41 2.42 13.20
N ILE A 141 -9.31 1.27 13.84
CA ILE A 141 -8.48 1.15 15.03
C ILE A 141 -7.03 1.37 14.62
N PHE A 142 -6.27 2.06 15.48
CA PHE A 142 -4.83 2.22 15.34
C PHE A 142 -4.16 0.93 15.80
N THR A 143 -3.99 -0.01 14.86
CA THR A 143 -3.42 -1.32 15.13
C THR A 143 -1.89 -1.24 15.20
N ILE A 144 -1.28 -2.30 15.73
CA ILE A 144 0.13 -2.30 16.05
C ILE A 144 0.73 -3.53 15.38
N PRO A 145 1.17 -3.44 14.12
CA PRO A 145 1.53 -4.67 13.39
C PRO A 145 2.66 -5.45 14.04
N ALA A 146 3.56 -4.77 14.75
CA ALA A 146 4.73 -5.46 15.29
C ALA A 146 4.48 -6.07 16.66
N ASN A 147 3.27 -5.95 17.21
CA ASN A 147 3.01 -6.45 18.56
C ASN A 147 1.53 -6.79 18.62
N ASN A 148 1.23 -8.06 18.40
CA ASN A 148 -0.15 -8.53 18.36
C ASN A 148 -0.90 -8.19 19.65
N GLU A 149 -0.22 -8.29 20.80
CA GLU A 149 -0.91 -8.08 22.08
C GLU A 149 -1.24 -6.61 22.32
N LYS A 150 -0.33 -5.71 21.97
CA LYS A 150 -0.64 -4.28 21.99
C LYS A 150 -1.80 -3.95 21.04
N SER A 151 -1.81 -4.57 19.87
CA SER A 151 -2.89 -4.33 18.92
C SER A 151 -4.22 -4.81 19.51
N PHE A 152 -4.21 -5.96 20.18
CA PHE A 152 -5.37 -6.43 20.95
C PHE A 152 -5.90 -5.34 21.88
N ASP A 153 -5.00 -4.72 22.65
CA ASP A 153 -5.40 -3.72 23.63
C ASP A 153 -6.01 -2.50 22.98
N GLN A 154 -5.48 -2.07 21.84
CA GLN A 154 -6.12 -1.01 21.07
C GLN A 154 -7.52 -1.43 20.63
N ILE A 155 -7.62 -2.63 20.05
CA ILE A 155 -8.90 -3.12 19.54
C ILE A 155 -9.95 -3.17 20.66
N SER A 156 -9.57 -3.76 21.81
CA SER A 156 -10.51 -3.88 22.92
C SER A 156 -10.98 -2.51 23.41
N LYS A 157 -10.04 -1.57 23.56
CA LYS A 157 -10.43 -0.25 24.04
C LYS A 157 -11.42 0.42 23.09
N GLY A 158 -11.16 0.35 21.78
CA GLY A 158 -12.04 1.00 20.83
C GLY A 158 -13.41 0.35 20.70
N ILE A 159 -13.45 -0.99 20.66
CA ILE A 159 -14.76 -1.65 20.58
C ILE A 159 -15.55 -1.43 21.85
N ALA A 160 -14.87 -1.47 23.01
CA ALA A 160 -15.58 -1.22 24.27
C ALA A 160 -16.18 0.18 24.31
N HIS A 161 -15.47 1.15 23.74
CA HIS A 161 -15.98 2.50 23.61
C HIS A 161 -17.26 2.53 22.77
N ILE A 162 -17.22 1.93 21.58
CA ILE A 162 -18.40 1.95 20.71
C ILE A 162 -19.55 1.20 21.37
N PHE A 163 -19.28 -0.01 21.86
CA PHE A 163 -20.32 -0.85 22.44
C PHE A 163 -21.01 -0.15 23.61
N SER A 164 -20.23 0.42 24.52
CA SER A 164 -20.84 1.01 25.71
C SER A 164 -21.60 2.29 25.39
N SER A 165 -21.32 2.91 24.24
CA SER A 165 -22.04 4.11 23.85
C SER A 165 -23.46 3.82 23.41
N GLY A 166 -23.80 2.57 23.13
CA GLY A 166 -25.10 2.22 22.60
C GLY A 166 -25.14 2.02 21.10
N ALA A 167 -24.11 2.43 20.37
CA ALA A 167 -24.04 2.14 18.94
C ALA A 167 -23.72 0.68 18.71
N PHE A 168 -24.36 0.09 17.71
CA PHE A 168 -24.13 -1.30 17.38
C PHE A 168 -22.85 -1.42 16.57
N PRO A 169 -21.84 -2.15 17.05
CA PRO A 169 -20.56 -2.21 16.32
C PRO A 169 -20.53 -3.25 15.22
N ILE A 170 -20.11 -2.85 14.02
CA ILE A 170 -19.79 -3.78 12.95
C ILE A 170 -18.29 -3.64 12.64
N ILE A 171 -17.56 -4.74 12.81
CA ILE A 171 -16.10 -4.73 12.71
C ILE A 171 -15.70 -5.25 11.34
N LEU A 172 -14.86 -4.49 10.63
CA LEU A 172 -14.25 -4.92 9.38
C LEU A 172 -12.85 -5.43 9.70
N GLY A 173 -12.64 -6.72 9.61
CA GLY A 173 -11.32 -7.28 9.82
C GLY A 173 -10.47 -7.18 8.58
N GLY A 174 -9.18 -7.48 8.72
CA GLY A 174 -8.61 -7.93 9.99
C GLY A 174 -8.68 -9.44 10.14
N ASP A 175 -7.62 -10.05 10.64
CA ASP A 175 -7.66 -11.49 10.75
C ASP A 175 -8.46 -11.88 12.00
N HIS A 176 -8.76 -13.17 12.13
CA HIS A 176 -9.71 -13.58 13.16
C HIS A 176 -9.12 -13.57 14.57
N SER A 177 -7.81 -13.34 14.73
CA SER A 177 -7.31 -13.19 16.09
C SER A 177 -8.02 -12.07 16.81
N ILE A 178 -8.57 -11.10 16.08
CA ILE A 178 -9.25 -9.99 16.71
C ILE A 178 -10.54 -10.41 17.38
N GLY A 179 -10.99 -11.64 17.13
CA GLY A 179 -12.15 -12.16 17.85
C GLY A 179 -11.97 -12.15 19.35
N PHE A 180 -10.73 -12.34 19.81
CA PHE A 180 -10.53 -12.25 21.27
C PHE A 180 -10.65 -10.81 21.76
N PRO A 181 -9.90 -9.84 21.23
CA PRO A 181 -10.02 -8.48 21.78
C PRO A 181 -11.36 -7.82 21.49
N THR A 182 -12.03 -8.15 20.38
CA THR A 182 -13.35 -7.56 20.16
C THR A 182 -14.33 -8.04 21.22
N VAL A 183 -14.41 -9.36 21.42
CA VAL A 183 -15.29 -9.91 22.45
C VAL A 183 -14.85 -9.45 23.84
N ARG A 184 -13.54 -9.33 24.06
CA ARG A 184 -13.08 -8.81 25.35
C ARG A 184 -13.57 -7.38 25.58
N GLY A 185 -13.59 -6.55 24.52
CA GLY A 185 -14.13 -5.21 24.66
C GLY A 185 -15.62 -5.20 25.02
N ILE A 186 -16.40 -6.07 24.39
CA ILE A 186 -17.81 -6.23 24.76
C ILE A 186 -17.91 -6.65 26.21
N CYS A 187 -17.15 -7.67 26.60
CA CYS A 187 -17.28 -8.23 27.93
C CYS A 187 -16.87 -7.26 29.02
N ARG A 188 -16.02 -6.27 28.72
CA ARG A 188 -15.70 -5.27 29.74
C ARG A 188 -16.93 -4.53 30.20
N HIS A 189 -17.99 -4.52 29.39
CA HIS A 189 -19.21 -3.78 29.72
C HIS A 189 -20.43 -4.68 29.85
N LEU A 190 -20.24 -6.00 29.94
CA LEU A 190 -21.37 -6.91 30.09
C LEU A 190 -21.76 -7.15 31.54
N GLY A 191 -20.93 -6.71 32.49
CA GLY A 191 -21.27 -6.90 33.90
C GLY A 191 -21.43 -8.36 34.24
N ASP A 192 -22.63 -8.73 34.66
CA ASP A 192 -22.94 -10.11 35.01
C ASP A 192 -23.62 -10.87 33.87
N LYS A 193 -23.87 -10.22 32.73
CA LYS A 193 -24.49 -10.82 31.54
C LYS A 193 -23.49 -11.67 30.75
N LYS A 194 -24.02 -12.63 29.95
CA LYS A 194 -23.24 -13.53 29.10
C LYS A 194 -23.50 -13.29 27.61
N VAL A 195 -22.48 -13.58 26.79
CA VAL A 195 -22.55 -13.45 25.34
C VAL A 195 -22.31 -14.83 24.70
N GLY A 196 -23.21 -15.23 23.82
CA GLY A 196 -23.00 -16.42 23.00
C GLY A 196 -22.33 -16.03 21.70
N ILE A 197 -21.40 -16.85 21.24
CA ILE A 197 -20.63 -16.57 20.03
C ILE A 197 -21.12 -17.50 18.93
N ILE A 198 -21.52 -16.91 17.82
CA ILE A 198 -21.94 -17.65 16.62
C ILE A 198 -20.88 -17.43 15.57
N HIS A 199 -20.17 -18.51 15.26
CA HIS A 199 -18.88 -18.45 14.61
C HIS A 199 -19.02 -19.18 13.28
N PHE A 200 -19.00 -18.42 12.18
CA PHE A 200 -19.02 -18.99 10.84
C PHE A 200 -17.57 -19.15 10.37
N ASP A 201 -17.19 -20.37 10.04
CA ASP A 201 -15.78 -20.67 9.83
C ASP A 201 -15.62 -22.11 9.38
N ARG A 202 -14.58 -22.39 8.58
CA ARG A 202 -14.12 -23.76 8.39
C ARG A 202 -13.22 -24.21 9.52
N HIS A 203 -12.67 -23.27 10.29
CA HIS A 203 -11.62 -23.56 11.25
C HIS A 203 -12.07 -23.23 12.68
N VAL A 204 -11.70 -24.07 13.63
CA VAL A 204 -12.29 -23.93 14.97
C VAL A 204 -11.75 -22.71 15.71
N ASP A 205 -10.48 -22.33 15.49
CA ASP A 205 -9.90 -21.12 16.10
C ASP A 205 -9.94 -21.18 17.64
N THR A 206 -9.69 -22.35 18.21
CA THR A 206 -9.80 -22.55 19.65
C THR A 206 -8.51 -23.01 20.32
N GLN A 207 -7.37 -22.99 19.63
CA GLN A 207 -6.17 -23.48 20.30
C GLN A 207 -5.52 -22.35 21.12
N GLU A 208 -4.57 -22.74 21.98
CA GLU A 208 -4.05 -21.79 22.96
C GLU A 208 -3.06 -20.80 22.34
N THR A 209 -2.01 -21.30 21.68
CA THR A 209 -1.04 -20.46 21.00
C THR A 209 -0.71 -21.08 19.65
N ASP A 210 -0.18 -20.24 18.76
CA ASP A 210 0.27 -20.67 17.45
C ASP A 210 1.45 -19.79 17.10
N LEU A 211 2.56 -20.41 16.67
CA LEU A 211 3.80 -19.67 16.43
C LEU A 211 4.12 -18.78 17.64
N ASP A 212 3.89 -19.35 18.83
CA ASP A 212 4.19 -18.81 20.15
C ASP A 212 3.32 -17.61 20.56
N GLU A 213 2.21 -17.34 19.87
CA GLU A 213 1.43 -16.15 20.18
C GLU A 213 -0.04 -16.46 20.02
N ARG A 214 -0.89 -15.48 20.36
CA ARG A 214 -2.35 -15.67 20.31
C ARG A 214 -2.83 -15.18 18.95
N MET A 215 -2.76 -16.07 17.97
CA MET A 215 -2.99 -15.76 16.59
C MET A 215 -4.43 -16.08 16.20
N HIS A 216 -4.70 -16.05 14.90
CA HIS A 216 -6.08 -16.20 14.42
C HIS A 216 -6.59 -17.63 14.54
N THR A 217 -5.73 -18.57 14.91
CA THR A 217 -6.15 -19.91 15.29
C THR A 217 -6.57 -20.00 16.75
N CYS A 218 -6.50 -18.91 17.51
CA CYS A 218 -6.61 -18.92 18.97
C CYS A 218 -7.71 -18.07 19.61
N PRO A 219 -8.48 -17.24 18.90
CA PRO A 219 -9.29 -16.26 19.64
C PRO A 219 -10.28 -16.88 20.62
N TRP A 220 -10.91 -18.02 20.30
CA TRP A 220 -11.96 -18.49 21.20
C TRP A 220 -11.43 -19.27 22.41
N PHE A 221 -10.20 -19.79 22.36
CA PHE A 221 -9.57 -20.27 23.57
C PHE A 221 -9.55 -19.17 24.62
N HIS A 222 -9.15 -17.96 24.23
CA HIS A 222 -8.96 -16.90 25.19
C HIS A 222 -10.23 -16.12 25.44
N ALA A 223 -11.09 -15.98 24.43
CA ALA A 223 -12.39 -15.37 24.67
C ALA A 223 -13.18 -16.16 25.69
N THR A 224 -13.25 -17.49 25.53
CA THR A 224 -14.08 -18.28 26.43
C THR A 224 -13.41 -18.56 27.76
N ASN A 225 -12.17 -18.10 27.98
CA ASN A 225 -11.63 -18.05 29.33
C ASN A 225 -12.30 -16.98 30.17
N MET A 226 -12.97 -16.01 29.55
CA MET A 226 -13.68 -14.99 30.31
C MET A 226 -15.03 -15.53 30.78
N ALA A 227 -15.42 -15.15 32.00
CA ALA A 227 -16.69 -15.61 32.55
C ALA A 227 -17.86 -15.20 31.66
N ASN A 228 -17.79 -14.02 31.05
CA ASN A 228 -18.95 -13.53 30.31
C ASN A 228 -19.18 -14.27 28.99
N ALA A 229 -18.26 -15.14 28.56
CA ALA A 229 -18.38 -15.81 27.27
C ALA A 229 -18.22 -17.33 27.41
N PRO A 230 -19.30 -18.05 27.68
CA PRO A 230 -19.14 -19.50 27.93
C PRO A 230 -18.83 -20.26 26.65
N ALA A 231 -17.81 -21.13 26.74
CA ALA A 231 -17.51 -22.01 25.61
C ALA A 231 -18.69 -22.89 25.25
N LYS A 232 -19.50 -23.29 26.25
CA LYS A 232 -20.65 -24.12 25.92
C LYS A 232 -21.67 -23.37 25.06
N ASN A 233 -21.54 -22.05 24.93
CA ASN A 233 -22.41 -21.27 24.06
C ASN A 233 -21.70 -20.86 22.77
N LEU A 234 -20.50 -21.36 22.53
CA LEU A 234 -19.84 -21.13 21.26
C LEU A 234 -20.40 -22.10 20.23
N VAL A 235 -20.94 -21.55 19.14
CA VAL A 235 -21.49 -22.34 18.05
C VAL A 235 -20.61 -22.09 16.84
N GLN A 236 -20.16 -23.16 16.18
CA GLN A 236 -19.17 -23.06 15.11
C GLN A 236 -19.73 -23.75 13.89
N LEU A 237 -20.06 -22.96 12.88
CA LEU A 237 -20.79 -23.39 11.69
C LEU A 237 -19.86 -23.45 10.48
N GLY A 238 -19.67 -24.65 9.94
CA GLY A 238 -18.92 -24.89 8.74
C GLY A 238 -17.58 -25.59 8.88
N ILE A 239 -17.26 -26.13 10.06
CA ILE A 239 -15.92 -26.66 10.33
C ILE A 239 -15.62 -27.82 9.40
N GLY A 240 -14.46 -27.78 8.78
CA GLY A 240 -14.05 -28.90 7.94
C GLY A 240 -12.82 -28.56 7.13
N GLY A 241 -12.31 -29.57 6.46
CA GLY A 241 -11.17 -29.41 5.58
C GLY A 241 -9.87 -29.97 6.15
N TRP A 242 -8.76 -29.49 5.59
CA TRP A 242 -7.41 -29.93 5.91
C TRP A 242 -6.64 -28.90 6.74
N GLN A 243 -7.30 -27.85 7.21
CA GLN A 243 -6.62 -26.80 7.96
C GLN A 243 -7.10 -26.66 9.39
N VAL A 244 -7.99 -27.52 9.86
CA VAL A 244 -8.47 -27.48 11.24
C VAL A 244 -7.41 -28.06 12.15
N PRO A 245 -6.79 -27.27 13.02
CA PRO A 245 -5.65 -27.79 13.79
C PRO A 245 -6.09 -28.75 14.88
N ARG A 246 -5.31 -29.81 15.08
CA ARG A 246 -5.69 -30.81 16.07
C ARG A 246 -5.72 -30.25 17.49
N GLN A 247 -4.83 -29.29 17.80
CA GLN A 247 -4.88 -28.67 19.12
C GLN A 247 -6.21 -27.95 19.35
N GLY A 248 -6.70 -27.23 18.34
CA GLY A 248 -7.99 -26.58 18.48
C GLY A 248 -9.12 -27.59 18.63
N VAL A 249 -9.05 -28.69 17.88
CA VAL A 249 -10.06 -29.73 18.00
C VAL A 249 -10.11 -30.26 19.43
N LYS A 250 -8.94 -30.45 20.05
CA LYS A 250 -8.90 -30.93 21.43
C LYS A 250 -9.63 -29.97 22.38
N VAL A 251 -9.47 -28.67 22.16
CA VAL A 251 -10.13 -27.70 23.04
C VAL A 251 -11.63 -27.73 22.84
N CYS A 252 -12.08 -27.83 21.58
CA CYS A 252 -13.52 -27.91 21.30
C CYS A 252 -14.16 -29.07 22.04
N ARG A 253 -13.47 -30.20 22.06
CA ARG A 253 -14.00 -31.38 22.72
C ARG A 253 -13.98 -31.21 24.24
N GLU A 254 -12.88 -30.68 24.78
CA GLU A 254 -12.78 -30.53 26.23
C GLU A 254 -13.70 -29.43 26.76
N ARG A 255 -13.96 -28.39 25.97
CA ARG A 255 -14.83 -27.29 26.39
C ARG A 255 -16.26 -27.45 25.91
N ALA A 256 -16.56 -28.51 25.14
CA ALA A 256 -17.92 -28.79 24.70
C ALA A 256 -18.49 -27.63 23.88
N THR A 257 -17.77 -27.24 22.83
CA THR A 257 -18.35 -26.31 21.88
C THR A 257 -19.31 -27.04 20.95
N ASN A 258 -20.13 -26.26 20.25
CA ASN A 258 -21.22 -26.79 19.42
C ASN A 258 -20.83 -26.61 17.96
N ILE A 259 -20.58 -27.73 17.29
CA ILE A 259 -19.98 -27.70 15.96
C ILE A 259 -20.90 -28.39 14.97
N LEU A 260 -20.99 -27.82 13.77
CA LEU A 260 -21.61 -28.46 12.62
C LEU A 260 -20.69 -28.32 11.42
N THR A 261 -20.44 -29.43 10.74
CA THR A 261 -19.65 -29.36 9.51
C THR A 261 -20.54 -28.88 8.37
N VAL A 262 -19.91 -28.60 7.21
CA VAL A 262 -20.71 -28.20 6.06
C VAL A 262 -21.66 -29.32 5.68
N THR A 263 -21.17 -30.56 5.67
CA THR A 263 -22.03 -31.69 5.36
C THR A 263 -23.17 -31.81 6.39
N ASP A 264 -22.85 -31.65 7.68
CA ASP A 264 -23.92 -31.62 8.70
C ASP A 264 -25.00 -30.61 8.33
N ILE A 265 -24.57 -29.39 7.99
CA ILE A 265 -25.49 -28.29 7.72
C ILE A 265 -26.37 -28.60 6.51
N THR A 266 -25.76 -29.06 5.42
CA THR A 266 -26.55 -29.31 4.22
C THR A 266 -27.42 -30.54 4.38
N GLU A 267 -26.98 -31.54 5.15
CA GLU A 267 -27.79 -32.74 5.31
C GLU A 267 -28.97 -32.51 6.27
N MET A 268 -28.76 -31.76 7.35
CA MET A 268 -29.83 -31.56 8.32
C MET A 268 -30.82 -30.49 7.89
N SER A 269 -30.49 -29.73 6.82
CA SER A 269 -31.21 -28.59 6.28
C SER A 269 -30.73 -27.29 6.94
N LEU A 270 -30.76 -26.20 6.18
CA LEU A 270 -30.32 -24.91 6.71
C LEU A 270 -31.18 -24.49 7.90
N ASP A 271 -32.49 -24.70 7.82
CA ASP A 271 -33.36 -24.31 8.93
C ASP A 271 -33.03 -25.06 10.21
N ALA A 272 -32.74 -26.36 10.10
CA ALA A 272 -32.36 -27.10 11.32
C ALA A 272 -31.01 -26.65 11.84
N ALA A 273 -30.10 -26.29 10.93
CA ALA A 273 -28.79 -25.78 11.32
C ALA A 273 -28.90 -24.45 12.07
N ALA A 274 -29.74 -23.55 11.57
CA ALA A 274 -29.97 -22.29 12.29
C ALA A 274 -30.66 -22.53 13.63
N ASP A 275 -31.66 -23.44 13.66
CA ASP A 275 -32.29 -23.81 14.92
C ASP A 275 -31.25 -24.27 15.94
N PHE A 276 -30.35 -25.14 15.49
CA PHE A 276 -29.27 -25.63 16.33
C PHE A 276 -28.44 -24.47 16.88
N ALA A 277 -28.08 -23.54 15.99
CA ALA A 277 -27.23 -22.42 16.38
C ALA A 277 -27.96 -21.47 17.34
N ILE A 278 -29.23 -21.21 17.06
CA ILE A 278 -29.99 -20.27 17.88
C ILE A 278 -30.16 -20.81 19.30
N ALA A 279 -30.52 -22.10 19.43
CA ALA A 279 -30.74 -22.70 20.73
C ALA A 279 -29.45 -22.77 21.55
N ARG A 280 -28.33 -23.16 20.93
CA ARG A 280 -27.11 -23.35 21.71
C ARG A 280 -26.46 -22.02 22.09
N ALA A 281 -26.51 -21.03 21.22
CA ALA A 281 -25.81 -19.78 21.53
C ALA A 281 -26.54 -18.96 22.58
N THR A 282 -27.86 -19.11 22.67
CA THR A 282 -28.66 -18.27 23.57
C THR A 282 -29.01 -18.94 24.89
N ASP A 283 -28.70 -20.23 25.07
CA ASP A 283 -29.02 -20.96 26.30
C ASP A 283 -28.16 -20.44 27.44
N GLY A 284 -28.70 -19.52 28.24
CA GLY A 284 -27.96 -18.94 29.34
C GLY A 284 -27.19 -17.68 29.01
N THR A 285 -27.40 -17.08 27.85
CA THR A 285 -26.77 -15.83 27.49
C THR A 285 -27.81 -14.75 27.28
N ASP A 286 -27.34 -13.51 27.17
CA ASP A 286 -28.21 -12.36 27.03
C ASP A 286 -28.09 -11.67 25.68
N CYS A 287 -27.03 -11.97 24.95
CA CYS A 287 -26.84 -11.45 23.61
C CYS A 287 -25.96 -12.44 22.88
N VAL A 288 -25.82 -12.22 21.58
CA VAL A 288 -25.00 -13.07 20.73
CA VAL A 288 -25.02 -13.07 20.70
C VAL A 288 -24.07 -12.19 19.90
N TRP A 289 -22.83 -12.64 19.78
CA TRP A 289 -21.82 -11.99 18.96
C TRP A 289 -21.63 -12.83 17.72
N ILE A 290 -21.70 -12.21 16.54
CA ILE A 290 -21.54 -12.88 15.26
C ILE A 290 -20.13 -12.64 14.76
N SER A 291 -19.35 -13.71 14.62
CA SER A 291 -17.99 -13.62 14.10
C SER A 291 -17.94 -14.41 12.80
N PHE A 292 -17.86 -13.72 11.67
CA PHE A 292 -17.99 -14.35 10.35
C PHE A 292 -16.63 -14.34 9.66
N ASP A 293 -16.01 -15.52 9.56
CA ASP A 293 -14.78 -15.67 8.79
C ASP A 293 -15.18 -15.84 7.33
N ILE A 294 -14.71 -14.92 6.47
CA ILE A 294 -15.10 -14.98 5.06
C ILE A 294 -14.69 -16.31 4.42
N ASP A 295 -13.69 -17.01 4.97
CA ASP A 295 -13.27 -18.28 4.38
C ASP A 295 -14.24 -19.43 4.67
N CYS A 296 -15.32 -19.19 5.41
CA CYS A 296 -16.32 -20.26 5.52
C CYS A 296 -17.04 -20.46 4.20
N ILE A 297 -17.06 -19.45 3.34
CA ILE A 297 -17.55 -19.59 1.98
C ILE A 297 -16.54 -20.39 1.17
N ASP A 298 -17.04 -21.25 0.27
CA ASP A 298 -16.16 -21.99 -0.64
C ASP A 298 -15.13 -21.09 -1.30
N ALA A 299 -13.89 -21.57 -1.36
CA ALA A 299 -12.76 -20.79 -1.86
C ALA A 299 -13.02 -20.17 -3.23
N GLY A 300 -13.79 -20.86 -4.08
CA GLY A 300 -14.04 -20.32 -5.41
C GLY A 300 -14.74 -18.98 -5.42
N PHE A 301 -15.35 -18.60 -4.29
CA PHE A 301 -16.03 -17.32 -4.16
C PHE A 301 -15.20 -16.31 -3.40
N VAL A 302 -14.16 -16.75 -2.69
CA VAL A 302 -13.43 -15.84 -1.80
C VAL A 302 -11.93 -16.05 -1.93
N PRO A 303 -11.36 -15.89 -3.13
CA PRO A 303 -9.90 -16.06 -3.28
C PRO A 303 -9.09 -15.06 -2.46
N GLY A 304 -9.64 -13.90 -2.13
CA GLY A 304 -8.90 -12.94 -1.33
C GLY A 304 -8.95 -13.20 0.17
N THR A 305 -8.34 -14.30 0.60
CA THR A 305 -8.34 -14.62 2.02
C THR A 305 -7.10 -15.46 2.31
N GLY A 306 -6.74 -15.51 3.59
CA GLY A 306 -5.50 -16.17 3.95
C GLY A 306 -5.56 -17.68 3.96
N TRP A 307 -6.71 -18.26 4.32
CA TRP A 307 -6.90 -19.71 4.46
C TRP A 307 -8.06 -20.23 3.60
N PRO A 308 -8.00 -20.08 2.28
CA PRO A 308 -9.11 -20.59 1.45
C PRO A 308 -9.23 -22.10 1.58
N GLU A 309 -10.45 -22.60 1.38
CA GLU A 309 -10.68 -24.03 1.46
C GLU A 309 -11.84 -24.41 0.55
N PRO A 310 -11.67 -25.39 -0.34
CA PRO A 310 -12.82 -25.84 -1.13
C PRO A 310 -13.87 -26.53 -0.26
N GLY A 311 -15.05 -26.66 -0.83
CA GLY A 311 -16.12 -27.38 -0.17
C GLY A 311 -16.82 -26.62 0.92
N GLY A 312 -16.71 -25.29 0.95
CA GLY A 312 -17.35 -24.49 1.97
C GLY A 312 -18.82 -24.25 1.68
N LEU A 313 -19.38 -23.26 2.37
CA LEU A 313 -20.76 -22.86 2.13
C LEU A 313 -20.86 -22.08 0.82
N LEU A 314 -21.94 -22.32 0.09
CA LEU A 314 -22.20 -21.45 -1.06
C LEU A 314 -22.87 -20.17 -0.58
N PRO A 315 -22.71 -19.06 -1.32
CA PRO A 315 -23.23 -17.77 -0.83
C PRO A 315 -24.68 -17.79 -0.34
N ARG A 316 -25.59 -18.38 -1.09
CA ARG A 316 -27.00 -18.33 -0.68
C ARG A 316 -27.24 -19.17 0.57
N GLU A 317 -26.42 -20.19 0.81
CA GLU A 317 -26.53 -20.97 2.04
C GLU A 317 -26.09 -20.16 3.25
N ALA A 318 -24.93 -19.51 3.16
CA ALA A 318 -24.47 -18.69 4.28
C ALA A 318 -25.42 -17.52 4.53
N LEU A 319 -25.92 -16.89 3.46
CA LEU A 319 -26.80 -15.73 3.65
C LEU A 319 -28.14 -16.15 4.26
N TYR A 320 -28.64 -17.33 3.92
CA TYR A 320 -29.89 -17.78 4.50
C TYR A 320 -29.72 -18.12 5.98
N LEU A 321 -28.59 -18.70 6.35
CA LEU A 321 -28.32 -18.94 7.76
C LEU A 321 -28.34 -17.63 8.55
N LEU A 322 -27.72 -16.59 7.97
CA LEU A 322 -27.71 -15.28 8.61
C LEU A 322 -29.11 -14.72 8.77
N LYS A 323 -29.93 -14.86 7.72
CA LYS A 323 -31.33 -14.46 7.83
C LYS A 323 -31.97 -15.09 9.07
N ARG A 324 -31.82 -16.40 9.22
CA ARG A 324 -32.45 -17.07 10.36
C ARG A 324 -31.82 -16.64 11.69
N ILE A 325 -30.50 -16.60 11.76
CA ILE A 325 -29.83 -16.42 13.05
C ILE A 325 -29.96 -14.97 13.51
N ILE A 326 -29.77 -14.01 12.61
CA ILE A 326 -29.79 -12.61 13.04
C ILE A 326 -31.20 -12.21 13.48
N ARG A 327 -32.23 -12.66 12.76
CA ARG A 327 -33.57 -12.18 13.07
C ARG A 327 -34.10 -12.75 14.37
N GLU A 328 -33.52 -13.83 14.84
CA GLU A 328 -34.08 -14.60 15.95
C GLU A 328 -33.15 -14.64 17.15
N THR A 329 -32.09 -13.83 17.15
CA THR A 329 -31.25 -13.68 18.33
C THR A 329 -31.09 -12.19 18.64
N ASN A 330 -30.70 -11.92 19.89
N ASN A 330 -30.65 -11.94 19.88
CA ASN A 330 -30.41 -10.58 20.36
CA ASN A 330 -30.39 -10.59 20.38
C ASN A 330 -28.94 -10.32 20.09
C ASN A 330 -28.93 -10.29 20.11
N VAL A 331 -28.65 -9.64 18.98
CA VAL A 331 -27.26 -9.48 18.51
C VAL A 331 -26.64 -8.23 19.13
N CYS A 332 -25.44 -8.36 19.68
CA CYS A 332 -24.78 -7.19 20.25
C CYS A 332 -23.69 -6.62 19.37
N GLY A 333 -23.30 -7.32 18.31
CA GLY A 333 -22.27 -6.82 17.41
C GLY A 333 -21.87 -7.90 16.42
N MET A 334 -21.10 -7.48 15.43
CA MET A 334 -20.63 -8.42 14.44
C MET A 334 -19.27 -7.98 13.93
N GLU A 335 -18.46 -8.97 13.57
CA GLU A 335 -17.20 -8.77 12.84
C GLU A 335 -17.19 -9.71 11.64
N VAL A 336 -16.69 -9.19 10.52
CA VAL A 336 -16.48 -9.99 9.32
C VAL A 336 -14.98 -9.96 9.06
N VAL A 337 -14.34 -11.11 9.09
CA VAL A 337 -12.89 -11.15 9.19
C VAL A 337 -12.28 -11.88 8.00
N GLU A 338 -10.97 -11.66 7.84
CA GLU A 338 -10.04 -12.36 6.97
C GLU A 338 -10.16 -12.00 5.50
N VAL A 339 -10.85 -10.94 5.11
CA VAL A 339 -10.74 -10.45 3.73
C VAL A 339 -9.34 -9.90 3.52
N SER A 340 -8.65 -10.39 2.48
CA SER A 340 -7.27 -10.03 2.18
C SER A 340 -7.21 -9.50 0.75
N PRO A 341 -7.35 -8.19 0.56
CA PRO A 341 -7.47 -7.62 -0.80
C PRO A 341 -6.30 -7.96 -1.71
N PRO A 342 -5.05 -8.03 -1.21
CA PRO A 342 -3.93 -8.33 -2.12
C PRO A 342 -4.08 -9.64 -2.87
N TYR A 343 -4.88 -10.57 -2.37
CA TYR A 343 -5.11 -11.87 -2.99
C TYR A 343 -6.44 -11.95 -3.71
N ASP A 344 -7.21 -10.87 -3.72
CA ASP A 344 -8.55 -10.83 -4.28
C ASP A 344 -8.49 -10.57 -5.79
N ILE A 345 -9.61 -10.83 -6.47
CA ILE A 345 -9.77 -10.46 -7.87
C ILE A 345 -10.98 -9.52 -7.94
N SER A 346 -10.73 -8.28 -8.38
CA SER A 346 -11.80 -7.30 -8.60
C SER A 346 -12.73 -7.24 -7.39
N ASP A 347 -12.14 -7.30 -6.20
CA ASP A 347 -12.84 -7.16 -4.93
C ASP A 347 -13.97 -8.17 -4.75
N MET A 348 -13.88 -9.32 -5.42
CA MET A 348 -14.88 -10.38 -5.25
C MET A 348 -15.08 -10.74 -3.78
N THR A 349 -13.98 -10.89 -3.03
CA THR A 349 -14.06 -11.29 -1.63
C THR A 349 -14.55 -10.15 -0.75
N SER A 350 -14.07 -8.92 -0.99
CA SER A 350 -14.60 -7.77 -0.26
C SER A 350 -16.10 -7.62 -0.50
N LEU A 351 -16.55 -7.96 -1.70
CA LEU A 351 -17.96 -7.85 -2.01
C LEU A 351 -18.78 -8.86 -1.21
N MET A 352 -18.31 -10.10 -1.12
CA MET A 352 -18.97 -11.08 -0.28
C MET A 352 -19.06 -10.57 1.17
N ALA A 353 -17.99 -10.01 1.70
CA ALA A 353 -18.01 -9.51 3.08
C ALA A 353 -19.01 -8.37 3.22
N THR A 354 -19.04 -7.47 2.24
CA THR A 354 -19.97 -6.35 2.30
C THR A 354 -21.41 -6.85 2.32
N ARG A 355 -21.71 -7.87 1.52
CA ARG A 355 -23.08 -8.39 1.49
C ARG A 355 -23.49 -8.96 2.86
N VAL A 356 -22.57 -9.67 3.52
CA VAL A 356 -22.83 -10.18 4.87
C VAL A 356 -23.12 -9.02 5.83
N ILE A 357 -22.29 -7.98 5.76
CA ILE A 357 -22.46 -6.84 6.64
C ILE A 357 -23.83 -6.20 6.41
N CYS A 358 -24.13 -5.86 5.16
CA CYS A 358 -25.38 -5.15 4.86
C CYS A 358 -26.61 -6.02 5.12
N ASP A 359 -26.56 -7.29 4.71
CA ASP A 359 -27.66 -8.20 5.05
C ASP A 359 -27.92 -8.22 6.54
N THR A 360 -26.86 -8.28 7.35
CA THR A 360 -27.03 -8.32 8.80
C THR A 360 -27.76 -7.08 9.29
N MET A 361 -27.35 -5.90 8.81
CA MET A 361 -28.05 -4.68 9.20
C MET A 361 -29.52 -4.76 8.85
N ALA A 362 -29.82 -5.24 7.65
CA ALA A 362 -31.22 -5.36 7.22
C ALA A 362 -31.99 -6.32 8.12
N HIS A 363 -31.37 -7.43 8.54
CA HIS A 363 -32.06 -8.36 9.42
C HIS A 363 -32.32 -7.75 10.79
N LEU A 364 -31.37 -6.96 11.29
CA LEU A 364 -31.57 -6.23 12.53
C LEU A 364 -32.74 -5.27 12.44
N VAL A 365 -32.94 -4.68 11.26
CA VAL A 365 -34.05 -3.76 11.04
C VAL A 365 -35.36 -4.53 10.90
N VAL A 366 -35.37 -5.61 10.11
CA VAL A 366 -36.59 -6.40 9.92
C VAL A 366 -37.08 -6.97 11.25
N SER A 367 -36.16 -7.47 12.07
CA SER A 367 -36.54 -8.07 13.35
C SER A 367 -36.73 -7.03 14.46
N GLY A 368 -36.59 -5.75 14.14
CA GLY A 368 -36.87 -4.72 15.12
C GLY A 368 -35.79 -4.50 16.14
N GLN A 369 -34.59 -5.03 15.90
CA GLN A 369 -33.47 -4.79 16.81
C GLN A 369 -32.83 -3.42 16.63
N LEU A 370 -32.94 -2.84 15.44
CA LEU A 370 -32.43 -1.51 15.15
C LEU A 370 -33.51 -0.72 14.41
N PRO A 371 -33.69 0.57 14.71
CA PRO A 371 -33.01 1.37 15.72
C PRO A 371 -33.41 0.93 17.12
N ARG A 372 -32.56 1.15 18.11
CA ARG A 372 -32.86 0.79 19.48
C ARG A 372 -33.72 1.89 20.13
N THR A 373 -34.79 1.49 20.81
CA THR A 373 -35.61 2.47 21.50
C THR A 373 -35.07 2.80 22.89
N GLU A 374 -34.01 2.11 23.32
CA GLU A 374 -33.32 2.28 24.59
C GLU A 374 -32.09 1.39 24.57
N LYS A 375 -31.06 1.81 25.32
CA LYS A 375 -29.85 1.00 25.38
C LYS A 375 -30.15 -0.35 26.02
N PRO A 376 -29.54 -1.43 25.54
CA PRO A 376 -29.88 -2.76 26.05
C PRO A 376 -29.49 -2.95 27.51
N ALA A 377 -30.18 -3.90 28.14
CA ALA A 377 -29.95 -4.20 29.55
C ALA A 377 -28.54 -4.72 29.80
N TYR A 378 -27.94 -5.38 28.81
CA TYR A 378 -26.64 -5.97 29.06
C TYR A 378 -25.49 -4.96 29.00
N ILE A 379 -25.73 -3.73 28.58
CA ILE A 379 -24.67 -2.73 28.45
C ILE A 379 -24.48 -2.04 29.79
N HIS A 380 -23.35 -2.32 30.45
CA HIS A 380 -22.96 -1.64 31.69
C HIS A 380 -22.02 -0.47 31.40
N ALA A 381 -22.17 0.60 32.18
CA ALA A 381 -21.41 1.81 31.93
C ALA A 381 -19.94 1.62 32.30
N GLU A 382 -19.66 1.02 33.45
CA GLU A 382 -18.29 0.87 33.93
C GLU A 382 -17.59 -0.30 33.27
N ALA A 383 -16.35 -0.08 32.85
CA ALA A 383 -15.54 -1.10 32.21
C ALA A 383 -14.86 -1.95 33.27
N ASN A 384 -14.92 -3.26 33.09
CA ASN A 384 -14.26 -4.23 33.97
C ASN A 384 -12.96 -4.63 33.29
N MET A 385 -11.89 -3.90 33.59
CA MET A 385 -10.61 -4.07 32.92
C MET A 385 -9.95 -5.40 33.26
N ALA A 386 -10.52 -6.16 34.19
CA ALA A 386 -9.98 -7.45 34.61
C ALA A 386 -10.84 -8.62 34.13
N VAL A 387 -11.66 -8.42 33.09
CA VAL A 387 -12.45 -9.52 32.54
C VAL A 387 -11.55 -10.64 32.04
N ASP A 388 -10.32 -10.31 31.66
CA ASP A 388 -9.39 -11.32 31.15
C ASP A 388 -8.14 -11.38 32.04
N PRO B 11 31.71 22.09 -1.84
CA PRO B 11 30.28 22.38 -1.92
C PRO B 11 29.44 21.27 -1.29
N PRO B 12 28.31 21.62 -0.68
CA PRO B 12 27.51 20.61 0.02
C PRO B 12 26.68 19.75 -0.92
N SER B 13 26.63 18.46 -0.61
CA SER B 13 25.78 17.54 -1.35
C SER B 13 24.31 17.82 -1.06
N GLU B 14 23.45 17.31 -1.93
CA GLU B 14 22.01 17.47 -1.70
C GLU B 14 21.59 16.87 -0.37
N ALA B 15 22.18 15.74 0.02
CA ALA B 15 21.82 15.12 1.29
C ALA B 15 22.23 16.00 2.47
N GLU B 16 23.41 16.63 2.39
CA GLU B 16 23.84 17.49 3.48
C GLU B 16 22.91 18.68 3.64
N GLU B 17 22.50 19.31 2.53
CA GLU B 17 21.54 20.40 2.61
C GLU B 17 20.21 19.91 3.17
N ALA B 18 19.80 18.68 2.81
CA ALA B 18 18.53 18.16 3.28
C ALA B 18 18.53 18.01 4.80
N LEU B 19 19.65 17.58 5.39
CA LEU B 19 19.72 17.45 6.84
C LEU B 19 19.59 18.81 7.49
N ILE B 20 20.16 19.83 6.86
CA ILE B 20 20.07 21.18 7.41
C ILE B 20 18.66 21.73 7.22
N LYS B 21 18.10 21.56 6.01
CA LYS B 21 16.77 22.09 5.77
C LYS B 21 15.74 21.49 6.72
N GLU B 22 15.89 20.22 7.09
CA GLU B 22 14.91 19.60 7.97
C GLU B 22 14.88 20.28 9.34
N THR B 23 16.04 20.76 9.84
CA THR B 23 16.06 21.45 11.12
C THR B 23 15.30 22.75 11.08
N ARG B 24 15.05 23.31 9.90
CA ARG B 24 14.33 24.55 9.78
C ARG B 24 12.82 24.35 9.81
N LEU B 25 12.35 23.12 9.74
CA LEU B 25 10.92 22.88 9.68
C LEU B 25 10.35 22.79 11.09
N PRO B 26 9.21 23.39 11.30
CA PRO B 26 8.53 23.31 12.60
C PRO B 26 7.85 21.96 12.76
N LEU B 27 7.29 21.76 13.96
CA LEU B 27 6.48 20.57 14.24
C LEU B 27 5.12 20.94 14.81
N THR B 28 4.71 22.20 14.71
CA THR B 28 3.41 22.60 15.25
C THR B 28 2.28 21.92 14.50
N GLY B 29 2.42 21.80 13.18
CA GLY B 29 1.41 21.09 12.39
C GLY B 29 1.29 19.64 12.81
N TRP B 30 2.43 18.98 13.04
CA TRP B 30 2.41 17.59 13.50
C TRP B 30 1.79 17.48 14.89
N GLN B 31 2.16 18.38 15.81
CA GLN B 31 1.58 18.32 17.15
C GLN B 31 0.08 18.56 17.13
N GLN B 32 -0.39 19.49 16.29
CA GLN B 32 -1.82 19.75 16.21
C GLN B 32 -2.57 18.51 15.72
N GLU B 33 -1.99 17.80 14.74
CA GLU B 33 -2.55 16.52 14.30
C GLU B 33 -2.60 15.52 15.44
N VAL B 34 -1.53 15.44 16.22
CA VAL B 34 -1.49 14.50 17.34
C VAL B 34 -2.58 14.82 18.34
N ASP B 35 -2.73 16.11 18.68
CA ASP B 35 -3.72 16.51 19.68
C ASP B 35 -5.14 16.28 19.20
N GLN B 36 -5.44 16.64 17.95
CA GLN B 36 -6.76 16.35 17.40
C GLN B 36 -7.03 14.86 17.41
N GLY B 37 -6.02 14.06 17.04
CA GLY B 37 -6.19 12.62 17.04
C GLY B 37 -6.55 12.07 18.40
N LEU B 38 -5.85 12.53 19.44
CA LEU B 38 -6.12 12.06 20.80
C LEU B 38 -7.48 12.52 21.28
N THR B 39 -7.89 13.72 20.89
CA THR B 39 -9.22 14.20 21.26
C THR B 39 -10.32 13.43 20.53
N TYR B 40 -10.18 13.31 19.21
CA TYR B 40 -11.22 12.67 18.40
C TYR B 40 -11.11 11.15 18.34
N GLY B 41 -9.94 10.59 18.65
CA GLY B 41 -9.74 9.15 18.53
C GLY B 41 -9.38 8.45 19.83
N LEU B 42 -9.48 9.18 20.94
CA LEU B 42 -9.21 8.69 22.30
C LEU B 42 -7.72 8.50 22.51
N GLU B 43 -7.25 8.52 23.76
CA GLU B 43 -5.86 8.13 23.97
C GLU B 43 -5.74 6.62 23.78
N ALA B 44 -4.52 6.17 23.50
CA ALA B 44 -4.29 4.76 23.23
C ALA B 44 -4.48 3.92 24.49
N ALA B 45 -4.57 2.60 24.29
CA ALA B 45 -4.66 1.65 25.40
C ALA B 45 -3.44 1.79 26.30
N ALA B 46 -3.55 1.22 27.51
CA ALA B 46 -2.54 1.47 28.54
C ALA B 46 -1.17 0.91 28.17
N SER B 47 -1.13 -0.13 27.34
CA SER B 47 0.12 -0.82 26.99
C SER B 47 0.92 -0.11 25.91
N ILE B 48 0.37 0.93 25.30
CA ILE B 48 1.08 1.67 24.24
C ILE B 48 2.00 2.67 24.91
N LYS B 49 3.30 2.59 24.60
CA LYS B 49 4.27 3.48 25.25
C LYS B 49 4.17 4.89 24.67
N ASP B 50 4.09 4.99 23.36
CA ASP B 50 4.06 6.27 22.65
C ASP B 50 2.70 6.93 22.85
N ARG B 51 2.65 7.97 23.68
CA ARG B 51 1.36 8.55 24.01
C ARG B 51 0.88 9.55 22.96
N SER B 52 1.56 9.66 21.83
CA SER B 52 0.97 10.40 20.71
C SER B 52 0.02 9.52 19.91
N ILE B 53 -0.08 8.24 20.24
CA ILE B 53 -0.93 7.32 19.51
C ILE B 53 -2.35 7.36 20.07
N PRO B 54 -3.37 7.50 19.23
CA PRO B 54 -4.76 7.38 19.70
C PRO B 54 -5.23 5.93 19.65
N THR B 55 -6.44 5.70 20.17
CA THR B 55 -7.08 4.40 19.97
C THR B 55 -7.51 4.23 18.52
N PHE B 56 -8.16 5.26 17.96
CA PHE B 56 -8.67 5.26 16.60
C PHE B 56 -7.74 6.09 15.73
N SER B 57 -7.34 5.53 14.58
CA SER B 57 -6.49 6.26 13.64
C SER B 57 -7.16 7.56 13.20
N ARG B 58 -6.47 8.69 13.42
CA ARG B 58 -7.00 10.02 13.11
C ARG B 58 -5.82 10.83 12.59
N GLY B 59 -5.62 10.80 11.28
CA GLY B 59 -4.50 11.48 10.67
C GLY B 59 -3.64 10.53 9.85
N GLU B 60 -2.35 10.84 9.80
CA GLU B 60 -1.45 10.18 8.86
C GLU B 60 -1.32 8.69 9.13
N LEU B 61 -1.21 8.30 10.43
CA LEU B 61 -0.80 6.96 10.83
C LEU B 61 -1.99 6.15 11.38
N PRO B 62 -1.99 4.83 11.19
CA PRO B 62 -1.01 4.13 10.34
C PRO B 62 -1.29 4.36 8.85
N HIS B 63 -0.26 4.23 8.00
CA HIS B 63 -0.44 4.54 6.59
C HIS B 63 -1.42 3.60 5.92
N TYR B 64 -1.44 2.34 6.32
CA TYR B 64 -2.35 1.37 5.72
C TYR B 64 -3.79 1.54 6.22
N ALA B 65 -4.01 2.40 7.20
CA ALA B 65 -5.31 2.54 7.84
C ALA B 65 -5.95 3.86 7.46
N GLY B 66 -7.21 4.02 7.86
CA GLY B 66 -7.89 5.29 7.77
C GLY B 66 -8.67 5.47 6.49
N ILE B 67 -9.53 6.50 6.51
CA ILE B 67 -10.30 6.88 5.33
C ILE B 67 -9.38 7.56 4.33
N ASN B 68 -9.50 7.17 3.05
CA ASN B 68 -8.48 7.54 2.06
C ASN B 68 -8.84 8.83 1.35
N THR B 69 -8.62 9.95 2.04
CA THR B 69 -8.48 11.20 1.32
C THR B 69 -7.06 11.29 0.76
N PHE B 70 -6.83 12.29 -0.09
CA PHE B 70 -5.50 12.44 -0.65
C PHE B 70 -4.52 12.80 0.45
N MET B 71 -3.45 12.01 0.59
CA MET B 71 -2.46 12.11 1.66
C MET B 71 -3.10 12.15 3.04
N LYS B 72 -4.33 11.65 3.16
CA LYS B 72 -5.12 11.76 4.39
C LYS B 72 -5.30 13.20 4.83
N ALA B 73 -5.33 14.13 3.87
CA ALA B 73 -5.64 15.51 4.18
C ALA B 73 -7.07 15.61 4.68
N PRO B 74 -7.40 16.70 5.38
CA PRO B 74 -8.80 16.90 5.79
C PRO B 74 -9.72 16.88 4.58
N TYR B 75 -10.86 16.21 4.76
CA TYR B 75 -11.95 16.25 3.79
C TYR B 75 -12.77 17.49 4.04
N LEU B 76 -12.99 18.28 2.99
CA LEU B 76 -13.76 19.50 3.10
C LEU B 76 -15.15 19.24 2.54
N GLU B 77 -16.07 18.89 3.43
CA GLU B 77 -17.43 18.57 3.03
C GLU B 77 -18.12 19.80 2.47
N ASP B 78 -18.01 20.93 3.17
CA ASP B 78 -18.64 22.17 2.73
C ASP B 78 -17.69 22.88 1.77
N VAL B 79 -17.89 22.66 0.46
CA VAL B 79 -16.97 23.18 -0.54
C VAL B 79 -17.04 24.71 -0.63
N ARG B 80 -18.08 25.33 -0.08
CA ARG B 80 -18.13 26.78 -0.03
C ARG B 80 -17.02 27.38 0.82
N GLU B 81 -16.39 26.57 1.69
CA GLU B 81 -15.32 27.04 2.56
C GLU B 81 -13.94 26.82 1.93
N VAL B 82 -13.88 26.42 0.67
CA VAL B 82 -12.60 26.00 0.09
C VAL B 82 -11.58 27.13 0.08
N GLY B 83 -12.03 28.39 -0.04
CA GLY B 83 -11.14 29.53 -0.02
C GLY B 83 -10.31 29.67 1.25
N LYS B 84 -10.62 28.90 2.30
CA LYS B 84 -9.83 28.94 3.53
C LYS B 84 -8.56 28.09 3.43
N TYR B 85 -8.37 27.34 2.35
CA TYR B 85 -7.23 26.45 2.19
C TYR B 85 -6.28 26.95 1.11
N ASP B 86 -4.99 26.63 1.28
CA ASP B 86 -4.00 26.98 0.26
C ASP B 86 -4.15 26.11 -0.97
N VAL B 87 -4.43 24.83 -0.79
CA VAL B 87 -4.50 23.87 -1.88
C VAL B 87 -5.77 23.04 -1.70
N ALA B 88 -6.49 22.83 -2.80
CA ALA B 88 -7.68 21.98 -2.82
C ALA B 88 -7.43 20.88 -3.83
N ILE B 89 -7.33 19.65 -3.34
CA ILE B 89 -7.29 18.49 -4.21
C ILE B 89 -8.72 18.22 -4.65
N VAL B 90 -8.94 18.13 -5.96
CA VAL B 90 -10.28 17.87 -6.49
C VAL B 90 -10.18 16.74 -7.51
N GLY B 91 -11.02 15.72 -7.33
CA GLY B 91 -11.05 14.61 -8.27
C GLY B 91 -12.00 14.91 -9.42
N VAL B 92 -11.61 14.48 -10.62
CA VAL B 92 -12.50 14.60 -11.77
C VAL B 92 -12.66 13.21 -12.35
N PRO B 93 -13.58 12.38 -11.83
CA PRO B 93 -13.72 10.97 -12.27
C PRO B 93 -14.47 10.86 -13.59
N HIS B 94 -13.76 11.13 -14.68
CA HIS B 94 -14.35 11.36 -15.99
C HIS B 94 -13.54 10.54 -17.00
N ASP B 95 -14.18 9.54 -17.64
CA ASP B 95 -13.53 8.87 -18.76
C ASP B 95 -14.43 8.76 -19.98
N SER B 96 -15.38 9.68 -20.11
CA SER B 96 -16.16 9.73 -21.33
C SER B 96 -15.39 10.32 -22.52
N GLY B 97 -14.18 10.81 -22.32
CA GLY B 97 -13.35 11.27 -23.42
C GLY B 97 -12.31 10.26 -23.88
N THR B 98 -12.35 9.02 -23.39
CA THR B 98 -11.32 8.03 -23.73
C THR B 98 -11.65 7.34 -25.06
N THR B 99 -10.65 7.26 -25.94
CA THR B 99 -10.80 6.67 -27.27
C THR B 99 -10.26 5.25 -27.37
N TYR B 100 -9.60 4.75 -26.33
CA TYR B 100 -9.20 3.35 -26.31
C TYR B 100 -9.66 2.76 -24.99
N ARG B 101 -8.79 2.67 -23.98
CA ARG B 101 -9.25 2.07 -22.71
C ARG B 101 -9.97 3.10 -21.85
N PRO B 102 -11.13 2.76 -21.27
CA PRO B 102 -11.67 3.59 -20.21
C PRO B 102 -11.03 3.17 -18.90
N GLY B 103 -11.53 3.65 -17.77
CA GLY B 103 -11.00 3.27 -16.48
C GLY B 103 -10.42 4.43 -15.70
N THR B 104 -10.02 5.50 -16.37
CA THR B 104 -9.48 6.64 -15.64
C THR B 104 -10.55 7.41 -14.85
N ARG B 105 -11.85 7.04 -14.96
CA ARG B 105 -12.79 7.57 -13.97
C ARG B 105 -12.41 7.14 -12.56
N PHE B 106 -11.61 6.08 -12.42
CA PHE B 106 -11.12 5.66 -11.12
C PHE B 106 -9.77 6.25 -10.78
N GLY B 107 -9.19 7.06 -11.66
CA GLY B 107 -7.95 7.74 -11.37
C GLY B 107 -7.90 8.38 -9.99
N PRO B 108 -8.92 9.18 -9.64
CA PRO B 108 -8.90 9.85 -8.32
C PRO B 108 -8.84 8.90 -7.17
N GLN B 109 -9.55 7.76 -7.28
CA GLN B 109 -9.52 6.77 -6.23
C GLN B 109 -8.15 6.13 -6.10
N GLY B 110 -7.56 5.72 -7.23
CA GLY B 110 -6.23 5.12 -7.19
C GLY B 110 -5.18 6.08 -6.63
N ILE B 111 -5.23 7.33 -7.06
CA ILE B 111 -4.25 8.31 -6.56
C ILE B 111 -4.46 8.53 -5.05
N ARG B 112 -5.71 8.71 -4.62
CA ARG B 112 -5.95 8.84 -3.19
C ARG B 112 -5.45 7.61 -2.45
N ARG B 113 -5.74 6.42 -2.98
CA ARG B 113 -5.38 5.20 -2.28
C ARG B 113 -3.88 5.11 -2.04
N ILE B 114 -3.08 5.26 -3.11
CA ILE B 114 -1.64 5.08 -2.94
C ILE B 114 -1.01 6.27 -2.26
N SER B 115 -1.67 7.42 -2.25
CA SER B 115 -1.10 8.59 -1.59
C SER B 115 -1.02 8.42 -0.08
N ALA B 116 -1.66 7.40 0.48
CA ALA B 116 -1.48 7.07 1.89
C ALA B 116 -0.05 6.68 2.21
N LEU B 117 0.69 6.26 1.20
CA LEU B 117 2.09 5.88 1.42
C LEU B 117 2.95 7.06 1.81
N TYR B 118 2.54 8.28 1.47
CA TYR B 118 3.40 9.45 1.59
C TYR B 118 3.26 10.11 2.95
N THR B 119 4.38 10.69 3.45
CA THR B 119 4.31 11.70 4.49
C THR B 119 4.23 13.07 3.84
N PRO B 120 3.86 14.10 4.62
CA PRO B 120 3.85 15.46 4.07
C PRO B 120 5.24 16.05 3.85
N TYR B 121 6.30 15.28 4.07
CA TYR B 121 7.65 15.82 4.10
C TYR B 121 8.44 15.25 2.94
N ASN B 122 9.12 16.14 2.20
CA ASN B 122 10.01 15.77 1.09
C ASN B 122 11.45 16.00 1.53
N PHE B 123 12.25 14.93 1.52
CA PHE B 123 13.61 14.98 2.05
C PHE B 123 14.47 15.97 1.26
N GLU B 124 14.63 15.76 -0.06
CA GLU B 124 15.53 16.59 -0.86
C GLU B 124 15.21 18.07 -0.77
N MET B 125 13.93 18.42 -0.71
CA MET B 125 13.54 19.82 -0.74
C MET B 125 13.39 20.47 0.62
N GLY B 126 13.39 19.70 1.71
CA GLY B 126 13.20 20.32 3.01
C GLY B 126 11.85 20.99 3.14
N VAL B 127 10.83 20.37 2.56
CA VAL B 127 9.46 20.86 2.60
C VAL B 127 8.65 19.90 3.46
N ASP B 128 7.76 20.44 4.29
CA ASP B 128 6.78 19.64 5.02
C ASP B 128 5.44 20.32 4.83
N LEU B 129 4.57 19.72 4.01
CA LEU B 129 3.31 20.36 3.66
C LEU B 129 2.38 20.50 4.85
N ARG B 130 2.49 19.61 5.84
CA ARG B 130 1.66 19.74 7.04
C ARG B 130 2.08 20.96 7.86
N GLU B 131 3.33 21.38 7.75
CA GLU B 131 3.81 22.54 8.47
C GLU B 131 3.71 23.83 7.67
N GLN B 132 3.65 23.77 6.34
CA GLN B 132 3.86 24.97 5.54
C GLN B 132 2.66 25.42 4.72
N ILE B 133 1.66 24.57 4.50
CA ILE B 133 0.44 24.97 3.82
C ILE B 133 -0.74 24.32 4.52
N SER B 134 -1.93 24.82 4.20
CA SER B 134 -3.18 24.14 4.52
C SER B 134 -3.67 23.46 3.26
N LEU B 135 -3.94 22.17 3.36
CA LEU B 135 -4.34 21.34 2.24
C LEU B 135 -5.68 20.72 2.58
N CYS B 136 -6.59 20.70 1.60
CA CYS B 136 -7.83 19.96 1.80
C CYS B 136 -8.10 19.12 0.56
N ASP B 137 -8.95 18.12 0.77
CA ASP B 137 -9.48 17.25 -0.28
C ASP B 137 -10.98 17.52 -0.35
N VAL B 138 -11.44 18.09 -1.46
CA VAL B 138 -12.85 18.49 -1.57
C VAL B 138 -13.67 17.35 -2.18
N GLY B 139 -13.06 16.19 -2.36
CA GLY B 139 -13.76 15.10 -3.01
C GLY B 139 -13.76 15.23 -4.54
N ASP B 140 -14.85 14.78 -5.16
CA ASP B 140 -14.92 14.62 -6.60
C ASP B 140 -15.98 15.52 -7.22
N ILE B 141 -15.71 15.94 -8.45
CA ILE B 141 -16.76 16.47 -9.31
C ILE B 141 -17.76 15.36 -9.62
N PHE B 142 -19.04 15.73 -9.62
CA PHE B 142 -20.15 14.86 -10.07
C PHE B 142 -20.16 14.86 -11.60
N THR B 143 -19.40 13.94 -12.19
CA THR B 143 -19.29 13.81 -13.63
C THR B 143 -20.51 13.07 -14.20
N ILE B 144 -20.67 13.15 -15.51
CA ILE B 144 -21.85 12.63 -16.21
C ILE B 144 -21.34 11.67 -17.28
N PRO B 145 -21.22 10.38 -16.97
CA PRO B 145 -20.51 9.48 -17.89
C PRO B 145 -21.15 9.37 -19.26
N ALA B 146 -22.46 9.52 -19.34
CA ALA B 146 -23.17 9.31 -20.59
C ALA B 146 -23.25 10.57 -21.46
N ASN B 147 -22.62 11.67 -21.04
CA ASN B 147 -22.75 12.93 -21.79
C ASN B 147 -21.50 13.78 -21.49
N ASN B 148 -20.51 13.69 -22.38
CA ASN B 148 -19.22 14.34 -22.18
C ASN B 148 -19.39 15.83 -21.94
N GLU B 149 -20.32 16.47 -22.66
CA GLU B 149 -20.46 17.92 -22.60
C GLU B 149 -21.08 18.37 -21.27
N LYS B 150 -22.11 17.66 -20.80
CA LYS B 150 -22.65 17.94 -19.46
C LYS B 150 -21.58 17.76 -18.39
N SER B 151 -20.78 16.72 -18.53
CA SER B 151 -19.68 16.51 -17.59
C SER B 151 -18.69 17.66 -17.64
N PHE B 152 -18.36 18.13 -18.85
CA PHE B 152 -17.56 19.34 -19.02
C PHE B 152 -18.14 20.49 -18.19
N ASP B 153 -19.44 20.71 -18.32
CA ASP B 153 -20.07 21.84 -17.63
C ASP B 153 -19.96 21.68 -16.12
N GLN B 154 -20.09 20.46 -15.61
CA GLN B 154 -19.88 20.20 -14.19
C GLN B 154 -18.46 20.54 -13.78
N ILE B 155 -17.48 20.04 -14.54
CA ILE B 155 -16.06 20.26 -14.22
C ILE B 155 -15.72 21.74 -14.21
N SER B 156 -16.14 22.48 -15.25
CA SER B 156 -15.86 23.92 -15.31
C SER B 156 -16.46 24.66 -14.13
N LYS B 157 -17.70 24.34 -13.77
CA LYS B 157 -18.32 25.04 -12.65
C LYS B 157 -17.56 24.79 -11.35
N GLY B 158 -17.14 23.56 -11.12
CA GLY B 158 -16.40 23.26 -9.90
C GLY B 158 -15.01 23.86 -9.87
N ILE B 159 -14.26 23.75 -10.98
CA ILE B 159 -12.93 24.33 -11.01
C ILE B 159 -12.99 25.84 -10.91
N ALA B 160 -13.96 26.46 -11.60
CA ALA B 160 -14.13 27.90 -11.47
C ALA B 160 -14.44 28.29 -10.03
N HIS B 161 -15.21 27.45 -9.33
CA HIS B 161 -15.50 27.71 -7.92
C HIS B 161 -14.23 27.69 -7.08
N ILE B 162 -13.45 26.61 -7.19
CA ILE B 162 -12.23 26.50 -6.39
C ILE B 162 -11.25 27.60 -6.75
N PHE B 163 -11.04 27.81 -8.06
CA PHE B 163 -10.06 28.78 -8.54
C PHE B 163 -10.39 30.19 -8.05
N SER B 164 -11.66 30.59 -8.18
CA SER B 164 -12.04 31.94 -7.78
C SER B 164 -12.01 32.12 -6.28
N SER B 165 -12.01 31.04 -5.51
CA SER B 165 -11.93 31.18 -4.06
C SER B 165 -10.54 31.58 -3.59
N GLY B 166 -9.51 31.44 -4.44
CA GLY B 166 -8.15 31.69 -4.04
C GLY B 166 -7.36 30.45 -3.67
N ALA B 167 -8.03 29.32 -3.48
CA ALA B 167 -7.34 28.06 -3.26
C ALA B 167 -6.69 27.58 -4.56
N PHE B 168 -5.50 27.01 -4.44
CA PHE B 168 -4.79 26.51 -5.59
C PHE B 168 -5.37 25.15 -5.97
N PRO B 169 -5.90 24.99 -7.17
CA PRO B 169 -6.57 23.73 -7.53
C PRO B 169 -5.62 22.69 -8.09
N ILE B 170 -5.66 21.48 -7.54
CA ILE B 170 -4.94 20.35 -8.09
C ILE B 170 -5.97 19.31 -8.51
N ILE B 171 -5.98 18.98 -9.80
CA ILE B 171 -7.02 18.14 -10.38
C ILE B 171 -6.47 16.74 -10.57
N LEU B 172 -7.19 15.73 -10.04
CA LEU B 172 -6.89 14.33 -10.29
C LEU B 172 -7.82 13.84 -11.38
N GLY B 173 -7.28 13.55 -12.57
CA GLY B 173 -8.09 13.02 -13.64
C GLY B 173 -8.28 11.52 -13.49
N GLY B 174 -9.15 10.94 -14.33
CA GLY B 174 -9.83 11.69 -15.37
C GLY B 174 -9.00 11.75 -16.65
N ASP B 175 -9.65 11.57 -17.80
CA ASP B 175 -8.93 11.60 -19.06
C ASP B 175 -8.66 13.04 -19.49
N HIS B 176 -7.81 13.20 -20.50
CA HIS B 176 -7.33 14.54 -20.79
C HIS B 176 -8.34 15.42 -21.49
N SER B 177 -9.48 14.89 -21.90
CA SER B 177 -10.51 15.79 -22.42
C SER B 177 -10.86 16.85 -21.39
N ILE B 178 -10.67 16.56 -20.10
CA ILE B 178 -11.01 17.54 -19.07
C ILE B 178 -10.12 18.78 -19.10
N GLY B 179 -9.03 18.74 -19.88
CA GLY B 179 -8.21 19.93 -20.05
C GLY B 179 -8.98 21.10 -20.62
N PHE B 180 -10.00 20.84 -21.44
CA PHE B 180 -10.81 21.98 -21.90
C PHE B 180 -11.68 22.53 -20.78
N PRO B 181 -12.53 21.74 -20.11
CA PRO B 181 -13.40 22.35 -19.08
C PRO B 181 -12.67 22.89 -17.86
N THR B 182 -11.53 22.29 -17.48
CA THR B 182 -10.76 22.86 -16.38
C THR B 182 -10.22 24.23 -16.75
N VAL B 183 -9.55 24.34 -17.90
CA VAL B 183 -9.02 25.64 -18.34
C VAL B 183 -10.16 26.61 -18.59
N ARG B 184 -11.28 26.13 -19.13
CA ARG B 184 -12.44 27.01 -19.28
C ARG B 184 -12.90 27.53 -17.92
N GLY B 185 -12.88 26.69 -16.88
CA GLY B 185 -13.25 27.14 -15.54
C GLY B 185 -12.30 28.21 -15.02
N ILE B 186 -11.00 28.01 -15.21
CA ILE B 186 -10.01 29.05 -14.91
C ILE B 186 -10.30 30.33 -15.67
N CYS B 187 -10.48 30.23 -16.99
CA CYS B 187 -10.64 31.42 -17.81
C CYS B 187 -11.91 32.21 -17.48
N ARG B 188 -12.93 31.57 -16.90
CA ARG B 188 -14.11 32.31 -16.49
C ARG B 188 -13.78 33.38 -15.46
N HIS B 189 -12.65 33.26 -14.77
CA HIS B 189 -12.27 34.22 -13.74
C HIS B 189 -10.95 34.91 -14.07
N LEU B 190 -10.47 34.82 -15.31
CA LEU B 190 -9.22 35.46 -15.67
C LEU B 190 -9.40 36.87 -16.18
N GLY B 191 -10.62 37.32 -16.42
CA GLY B 191 -10.83 38.66 -16.96
C GLY B 191 -10.14 38.76 -18.30
N ASP B 192 -9.20 39.68 -18.43
CA ASP B 192 -8.43 39.85 -19.65
C ASP B 192 -7.04 39.23 -19.57
N LYS B 193 -6.70 38.58 -18.47
CA LYS B 193 -5.40 37.95 -18.33
C LYS B 193 -5.33 36.71 -19.23
N LYS B 194 -4.12 36.32 -19.59
CA LYS B 194 -3.88 35.15 -20.42
C LYS B 194 -3.14 34.09 -19.61
N VAL B 195 -3.40 32.83 -19.95
CA VAL B 195 -2.76 31.69 -19.30
C VAL B 195 -1.98 30.91 -20.36
N GLY B 196 -0.72 30.61 -20.06
CA GLY B 196 0.06 29.70 -20.88
C GLY B 196 -0.14 28.28 -20.35
N ILE B 197 -0.22 27.33 -21.28
CA ILE B 197 -0.46 25.94 -20.91
C ILE B 197 0.84 25.19 -21.15
N ILE B 198 1.32 24.52 -20.12
CA ILE B 198 2.49 23.67 -20.22
C ILE B 198 2.00 22.24 -20.08
N HIS B 199 2.14 21.51 -21.18
CA HIS B 199 1.43 20.27 -21.47
C HIS B 199 2.46 19.16 -21.59
N PHE B 200 2.52 18.27 -20.61
CA PHE B 200 3.38 17.10 -20.67
C PHE B 200 2.59 15.96 -21.29
N ASP B 201 3.11 15.38 -22.38
CA ASP B 201 2.31 14.43 -23.15
C ASP B 201 3.13 13.84 -24.30
N ARG B 202 2.80 12.60 -24.71
CA ARG B 202 3.26 12.11 -26.01
C ARG B 202 2.34 12.57 -27.12
N HIS B 203 1.13 13.03 -26.80
CA HIS B 203 0.10 13.26 -27.79
C HIS B 203 -0.31 14.73 -27.77
N VAL B 204 -0.55 15.29 -28.96
CA VAL B 204 -0.72 16.74 -29.04
C VAL B 204 -2.05 17.18 -28.50
N ASP B 205 -3.10 16.36 -28.64
CA ASP B 205 -4.42 16.65 -28.07
C ASP B 205 -5.01 17.95 -28.61
N THR B 206 -4.81 18.21 -29.91
CA THR B 206 -5.24 19.46 -30.51
C THR B 206 -6.21 19.31 -31.67
N GLN B 207 -6.80 18.12 -31.85
CA GLN B 207 -7.73 18.01 -32.97
C GLN B 207 -9.12 18.49 -32.55
N GLU B 208 -10.00 18.69 -33.52
CA GLU B 208 -11.28 19.33 -33.22
C GLU B 208 -12.30 18.36 -32.62
N THR B 209 -12.52 17.22 -33.27
CA THR B 209 -13.42 16.20 -32.74
C THR B 209 -12.78 14.85 -32.95
N ASP B 210 -13.26 13.87 -32.17
CA ASP B 210 -12.83 12.49 -32.28
C ASP B 210 -14.02 11.62 -31.93
N LEU B 211 -14.32 10.63 -32.78
CA LEU B 211 -15.53 9.82 -32.61
C LEU B 211 -16.74 10.74 -32.43
N ASP B 212 -16.74 11.81 -33.22
CA ASP B 212 -17.79 12.82 -33.33
C ASP B 212 -17.96 13.69 -32.09
N GLU B 213 -17.01 13.72 -31.17
CA GLU B 213 -17.17 14.47 -29.92
C GLU B 213 -15.85 15.11 -29.54
N ARG B 214 -15.87 15.89 -28.46
CA ARG B 214 -14.69 16.60 -27.98
C ARG B 214 -14.02 15.73 -26.92
N MET B 215 -13.17 14.81 -27.40
CA MET B 215 -12.59 13.77 -26.57
C MET B 215 -11.19 14.17 -26.11
N HIS B 216 -10.46 13.20 -25.54
CA HIS B 216 -9.21 13.57 -24.90
C HIS B 216 -8.11 13.91 -25.91
N THR B 217 -8.35 13.69 -27.19
CA THR B 217 -7.49 14.14 -28.28
C THR B 217 -7.75 15.58 -28.70
N CYS B 218 -8.73 16.24 -28.07
CA CYS B 218 -9.25 17.53 -28.52
C CYS B 218 -9.15 18.72 -27.57
N PRO B 219 -8.75 18.60 -26.29
CA PRO B 219 -8.98 19.74 -25.37
C PRO B 219 -8.29 21.03 -25.80
N TRP B 220 -7.09 20.97 -26.37
CA TRP B 220 -6.38 22.22 -26.64
C TRP B 220 -6.85 22.88 -27.92
N PHE B 221 -7.49 22.15 -28.83
CA PHE B 221 -8.21 22.81 -29.91
C PHE B 221 -9.22 23.79 -29.33
N HIS B 222 -9.98 23.34 -28.34
CA HIS B 222 -11.08 24.14 -27.82
C HIS B 222 -10.65 25.07 -26.71
N ALA B 223 -9.66 24.68 -25.92
CA ALA B 223 -9.10 25.60 -24.93
C ALA B 223 -8.51 26.83 -25.61
N THR B 224 -7.70 26.62 -26.66
CA THR B 224 -7.05 27.76 -27.31
C THR B 224 -7.96 28.50 -28.27
N ASN B 225 -9.20 28.05 -28.46
CA ASN B 225 -10.20 28.91 -29.08
C ASN B 225 -10.59 30.05 -28.14
N MET B 226 -10.32 29.92 -26.85
CA MET B 226 -10.63 31.00 -25.90
C MET B 226 -9.59 32.09 -25.95
N ALA B 227 -10.05 33.34 -25.82
CA ALA B 227 -9.15 34.48 -25.87
C ALA B 227 -8.07 34.39 -24.79
N ASN B 228 -8.44 33.91 -23.60
CA ASN B 228 -7.51 33.90 -22.48
C ASN B 228 -6.41 32.84 -22.59
N ALA B 229 -6.50 31.93 -23.57
CA ALA B 229 -5.54 30.83 -23.70
C ALA B 229 -4.95 30.83 -25.10
N PRO B 230 -3.87 31.58 -25.32
CA PRO B 230 -3.31 31.67 -26.68
C PRO B 230 -2.62 30.38 -27.07
N ALA B 231 -2.93 29.89 -28.27
CA ALA B 231 -2.23 28.72 -28.77
C ALA B 231 -0.72 28.97 -28.88
N LYS B 232 -0.32 30.22 -29.17
CA LYS B 232 1.10 30.52 -29.26
C LYS B 232 1.82 30.33 -27.93
N ASN B 233 1.10 30.21 -26.81
CA ASN B 233 1.70 29.97 -25.50
C ASN B 233 1.50 28.53 -25.03
N LEU B 234 0.97 27.64 -25.87
CA LEU B 234 0.87 26.23 -25.52
C LEU B 234 2.22 25.59 -25.80
N VAL B 235 2.78 24.95 -24.78
CA VAL B 235 4.04 24.23 -24.83
C VAL B 235 3.73 22.76 -24.62
N GLN B 236 4.24 21.91 -25.50
CA GLN B 236 3.90 20.48 -25.49
C GLN B 236 5.20 19.69 -25.46
N LEU B 237 5.46 19.06 -24.31
CA LEU B 237 6.73 18.41 -23.99
C LEU B 237 6.57 16.90 -24.05
N GLY B 238 7.29 16.26 -24.98
CA GLY B 238 7.33 14.82 -25.08
C GLY B 238 6.61 14.20 -26.26
N ILE B 239 6.16 15.01 -27.24
CA ILE B 239 5.34 14.53 -28.35
C ILE B 239 6.12 13.51 -29.18
N GLY B 240 5.49 12.38 -29.48
CA GLY B 240 6.11 11.39 -30.34
C GLY B 240 5.37 10.08 -30.27
N GLY B 241 5.78 9.16 -31.15
CA GLY B 241 5.23 7.82 -31.20
C GLY B 241 4.27 7.61 -32.35
N TRP B 242 3.44 6.57 -32.20
CA TRP B 242 2.53 6.14 -33.25
C TRP B 242 1.08 6.50 -32.98
N GLN B 243 0.82 7.32 -31.95
CA GLN B 243 -0.53 7.66 -31.56
C GLN B 243 -0.84 9.14 -31.70
N VAL B 244 0.09 9.94 -32.21
CA VAL B 244 -0.12 11.37 -32.44
C VAL B 244 -1.00 11.53 -33.68
N PRO B 245 -2.21 12.05 -33.54
CA PRO B 245 -3.14 12.09 -34.67
C PRO B 245 -2.76 13.19 -35.65
N ARG B 246 -2.86 12.87 -36.95
CA ARG B 246 -2.42 13.84 -37.96
C ARG B 246 -3.27 15.10 -37.97
N GLN B 247 -4.57 14.99 -37.66
CA GLN B 247 -5.40 16.19 -37.55
C GLN B 247 -4.88 17.12 -36.47
N GLY B 248 -4.51 16.56 -35.32
CA GLY B 248 -3.94 17.39 -34.27
C GLY B 248 -2.62 18.01 -34.69
N VAL B 249 -1.79 17.27 -35.44
CA VAL B 249 -0.53 17.81 -35.94
C VAL B 249 -0.79 18.99 -36.87
N LYS B 250 -1.76 18.88 -37.78
CA LYS B 250 -2.12 20.01 -38.63
C LYS B 250 -2.49 21.23 -37.78
N VAL B 251 -3.28 21.04 -36.72
CA VAL B 251 -3.71 22.15 -35.89
C VAL B 251 -2.52 22.79 -35.17
N CYS B 252 -1.59 21.97 -34.67
CA CYS B 252 -0.37 22.52 -34.05
C CYS B 252 0.40 23.40 -35.02
N ARG B 253 0.51 22.97 -36.27
CA ARG B 253 1.26 23.73 -37.25
C ARG B 253 0.54 25.04 -37.59
N GLU B 254 -0.78 24.98 -37.76
CA GLU B 254 -1.54 26.17 -38.13
C GLU B 254 -1.60 27.19 -37.00
N ARG B 255 -1.61 26.74 -35.74
CA ARG B 255 -1.69 27.62 -34.59
C ARG B 255 -0.33 27.94 -33.97
N ALA B 256 0.74 27.34 -34.49
CA ALA B 256 2.11 27.61 -34.03
C ALA B 256 2.27 27.32 -32.53
N THR B 257 1.91 26.09 -32.11
CA THR B 257 2.24 25.68 -30.75
C THR B 257 3.73 25.35 -30.67
N ASN B 258 4.22 25.18 -29.44
CA ASN B 258 5.65 25.04 -29.17
C ASN B 258 5.90 23.61 -28.71
N ILE B 259 6.55 22.80 -29.54
CA ILE B 259 6.64 21.36 -29.33
C ILE B 259 8.09 20.95 -29.21
N LEU B 260 8.36 20.02 -28.29
CA LEU B 260 9.62 19.32 -28.21
C LEU B 260 9.36 17.82 -28.11
N THR B 261 10.04 17.04 -28.93
CA THR B 261 9.92 15.61 -28.80
C THR B 261 10.79 15.14 -27.64
N VAL B 262 10.63 13.87 -27.27
CA VAL B 262 11.49 13.31 -26.24
C VAL B 262 12.94 13.38 -26.69
N THR B 263 13.21 13.05 -27.96
CA THR B 263 14.56 13.15 -28.47
C THR B 263 15.08 14.59 -28.41
N ASP B 264 14.25 15.57 -28.80
CA ASP B 264 14.63 16.97 -28.64
C ASP B 264 15.07 17.26 -27.22
N ILE B 265 14.24 16.84 -26.26
CA ILE B 265 14.48 17.16 -24.85
C ILE B 265 15.79 16.55 -24.36
N THR B 266 16.01 15.27 -24.66
CA THR B 266 17.22 14.63 -24.15
C THR B 266 18.46 15.14 -24.88
N GLU B 267 18.34 15.48 -26.17
CA GLU B 267 19.50 15.97 -26.92
C GLU B 267 19.86 17.41 -26.52
N MET B 268 18.86 18.27 -26.31
CA MET B 268 19.18 19.66 -26.00
C MET B 268 19.54 19.88 -24.53
N SER B 269 19.35 18.87 -23.67
CA SER B 269 19.48 18.89 -22.20
C SER B 269 18.16 19.29 -21.55
N LEU B 270 17.90 18.76 -20.36
CA LEU B 270 16.66 19.06 -19.64
C LEU B 270 16.56 20.54 -19.31
N ASP B 271 17.67 21.16 -18.90
CA ASP B 271 17.65 22.58 -18.56
C ASP B 271 17.27 23.44 -19.75
N ALA B 272 17.80 23.11 -20.92
CA ALA B 272 17.44 23.86 -22.11
C ALA B 272 15.99 23.58 -22.50
N ALA B 273 15.51 22.36 -22.27
CA ALA B 273 14.11 22.05 -22.53
C ALA B 273 13.18 22.85 -21.62
N ALA B 274 13.49 22.93 -20.32
CA ALA B 274 12.68 23.73 -19.41
C ALA B 274 12.76 25.22 -19.77
N ASP B 275 13.96 25.71 -20.11
CA ASP B 275 14.10 27.09 -20.58
C ASP B 275 13.13 27.36 -21.72
N PHE B 276 13.09 26.46 -22.71
CA PHE B 276 12.21 26.62 -23.85
C PHE B 276 10.75 26.73 -23.40
N ALA B 277 10.35 25.83 -22.50
CA ALA B 277 8.97 25.82 -22.00
C ALA B 277 8.66 27.05 -21.19
N ILE B 278 9.60 27.48 -20.32
CA ILE B 278 9.34 28.65 -19.49
C ILE B 278 9.20 29.90 -20.34
N ALA B 279 10.11 30.07 -21.32
CA ALA B 279 10.07 31.25 -22.16
C ALA B 279 8.82 31.28 -23.03
N ARG B 280 8.42 30.13 -23.58
CA ARG B 280 7.30 30.13 -24.51
C ARG B 280 5.96 30.25 -23.79
N ALA B 281 5.83 29.63 -22.62
CA ALA B 281 4.55 29.62 -21.92
C ALA B 281 4.24 30.96 -21.26
N THR B 282 5.27 31.72 -20.86
CA THR B 282 5.10 32.96 -20.11
C THR B 282 5.21 34.21 -20.98
N ASP B 283 5.54 34.06 -22.27
CA ASP B 283 5.66 35.22 -23.15
C ASP B 283 4.30 35.86 -23.42
N GLY B 284 3.95 36.89 -22.64
CA GLY B 284 2.66 37.54 -22.81
C GLY B 284 1.52 36.98 -21.99
N THR B 285 1.79 36.06 -21.06
CA THR B 285 0.75 35.54 -20.19
C THR B 285 1.01 35.96 -18.75
N ASP B 286 0.00 35.77 -17.92
CA ASP B 286 0.06 36.17 -16.53
C ASP B 286 0.20 35.01 -15.57
N CYS B 287 -0.14 33.81 -16.02
CA CYS B 287 0.04 32.63 -15.20
C CYS B 287 0.15 31.45 -16.15
N VAL B 288 0.47 30.28 -15.60
CA VAL B 288 0.62 29.07 -16.41
CA VAL B 288 0.66 29.06 -16.37
C VAL B 288 -0.22 27.97 -15.79
N TRP B 289 -0.79 27.13 -16.65
CA TRP B 289 -1.55 25.97 -16.24
C TRP B 289 -0.75 24.73 -16.59
N ILE B 290 -0.57 23.83 -15.63
CA ILE B 290 0.21 22.62 -15.84
C ILE B 290 -0.76 21.47 -16.09
N SER B 291 -0.67 20.87 -17.28
CA SER B 291 -1.51 19.74 -17.63
C SER B 291 -0.59 18.55 -17.90
N PHE B 292 -0.55 17.60 -16.97
CA PHE B 292 0.41 16.49 -17.01
C PHE B 292 -0.31 15.19 -17.36
N ASP B 293 -0.10 14.71 -18.58
CA ASP B 293 -0.60 13.39 -18.98
C ASP B 293 0.39 12.33 -18.52
N ILE B 294 -0.09 11.41 -17.66
CA ILE B 294 0.79 10.41 -17.10
C ILE B 294 1.44 9.56 -18.17
N ASP B 295 0.85 9.47 -19.38
CA ASP B 295 1.46 8.67 -20.43
C ASP B 295 2.65 9.35 -21.10
N CYS B 296 3.02 10.56 -20.69
CA CYS B 296 4.27 11.10 -21.20
C CYS B 296 5.48 10.33 -20.66
N ILE B 297 5.32 9.66 -19.53
CA ILE B 297 6.31 8.76 -18.98
C ILE B 297 6.33 7.47 -19.79
N ASP B 298 7.52 6.91 -19.99
CA ASP B 298 7.64 5.65 -20.71
C ASP B 298 6.67 4.60 -20.13
N ALA B 299 6.01 3.87 -21.04
CA ALA B 299 4.97 2.90 -20.67
C ALA B 299 5.44 1.93 -19.60
N GLY B 300 6.73 1.58 -19.57
CA GLY B 300 7.19 0.63 -18.58
C GLY B 300 6.98 1.09 -17.14
N PHE B 301 6.72 2.39 -16.93
CA PHE B 301 6.49 2.95 -15.62
C PHE B 301 5.03 3.26 -15.35
N VAL B 302 4.21 3.30 -16.39
CA VAL B 302 2.82 3.74 -16.25
C VAL B 302 1.89 2.80 -17.01
N PRO B 303 1.90 1.49 -16.72
CA PRO B 303 1.01 0.59 -17.46
C PRO B 303 -0.46 0.88 -17.28
N GLY B 304 -0.84 1.51 -16.16
CA GLY B 304 -2.24 1.84 -15.89
C GLY B 304 -2.70 3.12 -16.58
N THR B 305 -2.76 3.10 -17.90
CA THR B 305 -3.19 4.28 -18.63
C THR B 305 -3.78 3.85 -19.96
N GLY B 306 -4.55 4.76 -20.56
CA GLY B 306 -5.26 4.41 -21.79
C GLY B 306 -4.39 4.37 -23.03
N TRP B 307 -3.38 5.23 -23.12
CA TRP B 307 -2.53 5.35 -24.30
C TRP B 307 -1.06 5.23 -23.96
N PRO B 308 -0.61 4.08 -23.45
CA PRO B 308 0.81 3.95 -23.14
C PRO B 308 1.63 4.02 -24.42
N GLU B 309 2.87 4.46 -24.29
CA GLU B 309 3.76 4.50 -25.44
C GLU B 309 5.20 4.32 -24.96
N PRO B 310 5.94 3.39 -25.55
CA PRO B 310 7.36 3.27 -25.21
C PRO B 310 8.16 4.48 -25.63
N GLY B 311 9.35 4.60 -25.06
CA GLY B 311 10.22 5.67 -25.47
C GLY B 311 9.87 7.02 -24.91
N GLY B 312 9.09 7.07 -23.83
CA GLY B 312 8.70 8.31 -23.19
C GLY B 312 9.79 8.83 -22.27
N LEU B 313 9.39 9.76 -21.41
CA LEU B 313 10.32 10.32 -20.44
C LEU B 313 10.57 9.31 -19.32
N LEU B 314 11.80 9.29 -18.82
CA LEU B 314 12.05 8.51 -17.60
C LEU B 314 11.59 9.33 -16.41
N PRO B 315 11.20 8.69 -15.30
CA PRO B 315 10.66 9.47 -14.17
C PRO B 315 11.53 10.64 -13.72
N ARG B 316 12.83 10.44 -13.59
CA ARG B 316 13.70 11.53 -13.10
C ARG B 316 13.80 12.67 -14.08
N GLU B 317 13.63 12.39 -15.38
CA GLU B 317 13.63 13.44 -16.39
C GLU B 317 12.37 14.30 -16.28
N ALA B 318 11.20 13.67 -16.21
CA ALA B 318 9.95 14.41 -16.04
C ALA B 318 9.94 15.17 -14.72
N LEU B 319 10.44 14.55 -13.64
CA LEU B 319 10.45 15.22 -12.35
C LEU B 319 11.42 16.41 -12.34
N TYR B 320 12.56 16.30 -13.03
CA TYR B 320 13.47 17.45 -13.09
C TYR B 320 12.90 18.58 -13.93
N LEU B 321 12.22 18.26 -15.04
CA LEU B 321 11.56 19.31 -15.81
C LEU B 321 10.55 20.07 -14.94
N LEU B 322 9.76 19.33 -14.16
CA LEU B 322 8.80 19.97 -13.26
C LEU B 322 9.49 20.86 -12.24
N LYS B 323 10.61 20.39 -11.68
CA LYS B 323 11.38 21.22 -10.77
C LYS B 323 11.71 22.57 -11.39
N ARG B 324 12.24 22.57 -12.62
CA ARG B 324 12.60 23.83 -13.24
C ARG B 324 11.35 24.66 -13.54
N ILE B 325 10.31 24.03 -14.08
CA ILE B 325 9.19 24.78 -14.62
C ILE B 325 8.30 25.34 -13.50
N ILE B 326 7.99 24.54 -12.48
CA ILE B 326 7.08 25.02 -11.43
C ILE B 326 7.73 26.16 -10.67
N ARG B 327 9.04 26.06 -10.38
CA ARG B 327 9.68 27.07 -9.54
C ARG B 327 9.85 28.39 -10.25
N GLU B 328 9.78 28.41 -11.59
CA GLU B 328 10.14 29.60 -12.35
C GLU B 328 8.96 30.13 -13.17
N THR B 329 7.74 29.63 -12.91
CA THR B 329 6.54 30.17 -13.52
C THR B 329 5.53 30.51 -12.43
N ASN B 330 4.61 31.39 -12.78
CA ASN B 330 3.48 31.73 -11.92
C ASN B 330 2.37 30.72 -12.23
N VAL B 331 2.27 29.67 -11.43
CA VAL B 331 1.36 28.56 -11.71
C VAL B 331 0.01 28.84 -11.06
N CYS B 332 -1.06 28.73 -11.83
CA CYS B 332 -2.41 28.96 -11.32
C CYS B 332 -3.20 27.68 -11.08
N GLY B 333 -2.68 26.53 -11.49
CA GLY B 333 -3.39 25.29 -11.24
C GLY B 333 -2.69 24.17 -11.98
N MET B 334 -3.10 22.95 -11.64
CA MET B 334 -2.52 21.77 -12.28
C MET B 334 -3.53 20.64 -12.32
N GLU B 335 -3.44 19.82 -13.37
CA GLU B 335 -4.16 18.56 -13.49
C GLU B 335 -3.17 17.47 -13.86
N VAL B 336 -3.37 16.30 -13.26
CA VAL B 336 -2.61 15.10 -13.64
C VAL B 336 -3.61 14.08 -14.14
N VAL B 337 -3.50 13.70 -15.41
CA VAL B 337 -4.60 13.00 -16.07
C VAL B 337 -4.18 11.63 -16.54
N GLU B 338 -5.19 10.82 -16.88
CA GLU B 338 -5.12 9.55 -17.60
C GLU B 338 -4.63 8.38 -16.75
N VAL B 339 -4.54 8.55 -15.42
CA VAL B 339 -4.28 7.39 -14.57
C VAL B 339 -5.50 6.49 -14.61
N SER B 340 -5.31 5.22 -14.97
CA SER B 340 -6.39 4.26 -15.17
C SER B 340 -6.14 3.03 -14.30
N PRO B 341 -6.63 3.03 -13.07
CA PRO B 341 -6.26 1.97 -12.10
C PRO B 341 -6.58 0.56 -12.58
N PRO B 342 -7.69 0.31 -13.31
CA PRO B 342 -7.97 -1.07 -13.72
C PRO B 342 -6.88 -1.72 -14.55
N TYR B 343 -6.00 -0.93 -15.18
CA TYR B 343 -4.89 -1.43 -15.99
C TYR B 343 -3.55 -1.34 -15.26
N ASP B 344 -3.55 -0.88 -14.01
CA ASP B 344 -2.35 -0.65 -13.22
C ASP B 344 -1.90 -1.94 -12.56
N ILE B 345 -0.66 -1.95 -12.05
CA ILE B 345 -0.15 -3.02 -11.21
C ILE B 345 0.29 -2.39 -9.90
N SER B 346 -0.36 -2.77 -8.79
CA SER B 346 0.00 -2.32 -7.46
C SER B 346 0.17 -0.81 -7.40
N ASP B 347 -0.74 -0.10 -8.08
CA ASP B 347 -0.80 1.35 -8.08
C ASP B 347 0.51 2.02 -8.53
N MET B 348 1.33 1.31 -9.34
CA MET B 348 2.54 1.92 -9.90
C MET B 348 2.22 3.25 -10.60
N THR B 349 1.19 3.25 -11.43
CA THR B 349 0.87 4.46 -12.21
C THR B 349 0.27 5.54 -11.33
N SER B 350 -0.64 5.16 -10.41
CA SER B 350 -1.14 6.13 -9.45
C SER B 350 -0.02 6.72 -8.61
N LEU B 351 0.99 5.91 -8.30
CA LEU B 351 2.10 6.41 -7.50
C LEU B 351 2.92 7.45 -8.28
N MET B 352 3.18 7.17 -9.55
CA MET B 352 3.84 8.17 -10.38
C MET B 352 3.07 9.48 -10.37
N ALA B 353 1.73 9.39 -10.51
CA ALA B 353 0.93 10.61 -10.52
C ALA B 353 0.99 11.33 -9.18
N THR B 354 0.92 10.58 -8.08
CA THR B 354 0.99 11.18 -6.75
C THR B 354 2.30 11.93 -6.58
N ARG B 355 3.40 11.35 -7.08
CA ARG B 355 4.70 11.98 -6.94
C ARG B 355 4.74 13.30 -7.70
N VAL B 356 4.16 13.34 -8.90
CA VAL B 356 4.06 14.57 -9.67
C VAL B 356 3.28 15.62 -8.89
N ILE B 357 2.14 15.22 -8.33
CA ILE B 357 1.31 16.13 -7.55
C ILE B 357 2.07 16.70 -6.37
N CYS B 358 2.67 15.83 -5.56
CA CYS B 358 3.31 16.28 -4.34
C CYS B 358 4.56 17.11 -4.64
N ASP B 359 5.39 16.67 -5.61
CA ASP B 359 6.55 17.46 -6.02
C ASP B 359 6.13 18.88 -6.42
N THR B 360 5.04 18.99 -7.18
CA THR B 360 4.55 20.29 -7.62
C THR B 360 4.22 21.19 -6.44
N MET B 361 3.51 20.65 -5.44
CA MET B 361 3.22 21.43 -4.24
C MET B 361 4.51 21.88 -3.58
N ALA B 362 5.46 20.96 -3.44
CA ALA B 362 6.74 21.29 -2.81
C ALA B 362 7.48 22.38 -3.57
N HIS B 363 7.43 22.35 -4.92
CA HIS B 363 8.06 23.40 -5.73
C HIS B 363 7.35 24.73 -5.56
N LEU B 364 6.04 24.71 -5.46
CA LEU B 364 5.29 25.93 -5.17
C LEU B 364 5.70 26.50 -3.82
N VAL B 365 5.99 25.63 -2.85
CA VAL B 365 6.41 26.12 -1.54
C VAL B 365 7.85 26.64 -1.60
N VAL B 366 8.75 25.91 -2.26
CA VAL B 366 10.14 26.34 -2.34
C VAL B 366 10.25 27.69 -3.04
N SER B 367 9.46 27.89 -4.08
CA SER B 367 9.53 29.14 -4.83
C SER B 367 8.68 30.24 -4.21
N GLY B 368 8.04 29.98 -3.07
CA GLY B 368 7.27 30.99 -2.39
C GLY B 368 5.93 31.29 -3.00
N GLN B 369 5.44 30.43 -3.89
CA GLN B 369 4.12 30.65 -4.47
C GLN B 369 3.00 30.24 -3.52
N LEU B 370 3.28 29.33 -2.59
CA LEU B 370 2.35 28.92 -1.55
C LEU B 370 3.07 28.91 -0.21
N PRO B 371 2.40 29.35 0.87
CA PRO B 371 1.04 29.92 0.89
C PRO B 371 0.98 31.29 0.25
N ARG B 372 -0.17 31.65 -0.28
CA ARG B 372 -0.34 32.97 -0.85
C ARG B 372 -0.67 33.95 0.27
N THR B 373 0.00 35.10 0.26
CA THR B 373 -0.25 36.16 1.22
C THR B 373 -1.40 37.08 0.80
N GLU B 374 -1.98 36.84 -0.37
CA GLU B 374 -3.09 37.61 -0.93
C GLU B 374 -3.55 36.91 -2.20
N LYS B 375 -4.82 37.10 -2.56
CA LYS B 375 -5.33 36.50 -3.78
C LYS B 375 -4.59 37.08 -4.98
N PRO B 376 -4.30 36.24 -5.99
CA PRO B 376 -3.48 36.71 -7.12
C PRO B 376 -4.19 37.79 -7.92
N ALA B 377 -3.38 38.58 -8.64
CA ALA B 377 -3.93 39.69 -9.41
C ALA B 377 -4.85 39.20 -10.52
N TYR B 378 -4.59 38.01 -11.07
CA TYR B 378 -5.36 37.54 -12.20
C TYR B 378 -6.71 36.96 -11.84
N ILE B 379 -7.02 36.76 -10.57
CA ILE B 379 -8.30 36.16 -10.18
C ILE B 379 -9.37 37.25 -10.13
N HIS B 380 -10.29 37.23 -11.09
CA HIS B 380 -11.44 38.11 -11.08
C HIS B 380 -12.62 37.40 -10.43
N ALA B 381 -13.40 38.16 -9.64
CA ALA B 381 -14.44 37.54 -8.84
C ALA B 381 -15.62 37.09 -9.70
N GLU B 382 -16.08 37.95 -10.61
CA GLU B 382 -17.26 37.68 -11.40
C GLU B 382 -16.93 36.74 -12.56
N ALA B 383 -17.85 35.80 -12.81
CA ALA B 383 -17.62 34.78 -13.84
C ALA B 383 -17.97 35.30 -15.23
N ASN B 384 -17.09 34.99 -16.19
CA ASN B 384 -17.31 35.32 -17.60
C ASN B 384 -17.83 34.06 -18.28
N MET B 385 -19.14 33.86 -18.19
CA MET B 385 -19.76 32.61 -18.62
C MET B 385 -19.72 32.40 -20.13
N ALA B 386 -19.29 33.41 -20.90
CA ALA B 386 -19.24 33.31 -22.35
C ALA B 386 -17.82 33.21 -22.88
N VAL B 387 -16.87 32.77 -22.05
CA VAL B 387 -15.48 32.65 -22.50
C VAL B 387 -15.35 31.70 -23.67
N ASP B 388 -16.26 30.72 -23.79
CA ASP B 388 -16.17 29.73 -24.86
C ASP B 388 -17.38 29.83 -25.79
N PRO C 11 41.54 -1.80 -27.33
CA PRO C 11 41.25 -2.58 -26.12
C PRO C 11 40.14 -3.59 -26.36
N PRO C 12 40.18 -4.73 -25.68
CA PRO C 12 39.16 -5.76 -25.92
C PRO C 12 37.82 -5.38 -25.31
N SER C 13 36.76 -5.71 -26.02
CA SER C 13 35.42 -5.46 -25.52
C SER C 13 35.08 -6.41 -24.38
N GLU C 14 34.07 -6.03 -23.59
CA GLU C 14 33.65 -6.92 -22.52
C GLU C 14 33.20 -8.28 -23.06
N ALA C 15 32.54 -8.29 -24.21
CA ALA C 15 32.10 -9.57 -24.79
C ALA C 15 33.30 -10.43 -25.15
N GLU C 16 34.35 -9.82 -25.70
CA GLU C 16 35.55 -10.57 -26.06
C GLU C 16 36.25 -11.15 -24.83
N GLU C 17 36.36 -10.38 -23.76
CA GLU C 17 36.94 -10.91 -22.52
C GLU C 17 36.09 -12.03 -21.96
N ALA C 18 34.76 -11.87 -22.04
CA ALA C 18 33.88 -12.91 -21.51
C ALA C 18 34.09 -14.22 -22.22
N LEU C 19 34.34 -14.18 -23.53
CA LEU C 19 34.59 -15.42 -24.29
C LEU C 19 35.87 -16.08 -23.82
N ILE C 20 36.89 -15.29 -23.49
CA ILE C 20 38.14 -15.85 -22.99
C ILE C 20 37.96 -16.35 -21.55
N LYS C 21 37.30 -15.56 -20.70
CA LYS C 21 37.10 -15.99 -19.32
C LYS C 21 36.33 -17.31 -19.24
N GLU C 22 35.37 -17.53 -20.14
CA GLU C 22 34.61 -18.78 -20.06
C GLU C 22 35.50 -20.00 -20.25
N THR C 23 36.55 -19.89 -21.08
CA THR C 23 37.45 -21.03 -21.28
C THR C 23 38.28 -21.35 -20.05
N ARG C 24 38.39 -20.42 -19.10
CA ARG C 24 39.12 -20.66 -17.87
C ARG C 24 38.28 -21.35 -16.82
N LEU C 25 36.98 -21.48 -17.05
CA LEU C 25 36.12 -22.11 -16.06
C LEU C 25 36.12 -23.62 -16.26
N PRO C 26 36.17 -24.33 -15.15
CA PRO C 26 36.12 -25.80 -15.19
C PRO C 26 34.70 -26.30 -15.42
N LEU C 27 34.58 -27.62 -15.55
CA LEU C 27 33.28 -28.27 -15.65
C LEU C 27 33.14 -29.40 -14.64
N THR C 28 34.02 -29.46 -13.64
CA THR C 28 33.92 -30.53 -12.66
C THR C 28 32.62 -30.44 -11.88
N GLY C 29 32.23 -29.23 -11.50
CA GLY C 29 30.97 -29.07 -10.79
C GLY C 29 29.77 -29.49 -11.62
N TRP C 30 29.76 -29.12 -12.91
CA TRP C 30 28.68 -29.53 -13.80
C TRP C 30 28.65 -31.04 -13.96
N GLN C 31 29.82 -31.67 -14.14
CA GLN C 31 29.86 -33.11 -14.29
C GLN C 31 29.37 -33.82 -13.02
N GLN C 32 29.74 -33.31 -11.85
CA GLN C 32 29.31 -33.92 -10.61
C GLN C 32 27.79 -33.85 -10.46
N GLU C 33 27.22 -32.72 -10.85
CA GLU C 33 25.76 -32.61 -10.88
C GLU C 33 25.14 -33.63 -11.82
N VAL C 34 25.74 -33.81 -13.00
CA VAL C 34 25.19 -34.76 -13.96
C VAL C 34 25.23 -36.17 -13.40
N ASP C 35 26.35 -36.54 -12.76
CA ASP C 35 26.49 -37.91 -12.25
C ASP C 35 25.54 -38.17 -11.09
N GLN C 36 25.42 -37.22 -10.16
CA GLN C 36 24.43 -37.36 -9.09
C GLN C 36 23.01 -37.45 -9.64
N GLY C 37 22.69 -36.62 -10.63
CA GLY C 37 21.37 -36.68 -11.22
C GLY C 37 21.05 -38.04 -11.81
N LEU C 38 21.99 -38.63 -12.55
CA LEU C 38 21.74 -39.95 -13.13
C LEU C 38 21.66 -41.03 -12.05
N THR C 39 22.46 -40.90 -10.98
CA THR C 39 22.39 -41.90 -9.92
C THR C 39 21.08 -41.79 -9.16
N TYR C 40 20.73 -40.57 -8.76
CA TYR C 40 19.56 -40.32 -7.95
C TYR C 40 18.26 -40.24 -8.74
N GLY C 41 18.33 -39.92 -10.04
CA GLY C 41 17.13 -39.68 -10.82
C GLY C 41 16.97 -40.61 -12.00
N LEU C 42 17.84 -41.63 -12.07
CA LEU C 42 17.86 -42.70 -13.07
C LEU C 42 18.34 -42.17 -14.41
N GLU C 43 18.83 -43.05 -15.26
CA GLU C 43 19.13 -42.59 -16.61
C GLU C 43 17.82 -42.38 -17.36
N ALA C 44 17.89 -41.58 -18.42
CA ALA C 44 16.70 -41.21 -19.17
C ALA C 44 16.16 -42.40 -19.97
N ALA C 45 14.92 -42.26 -20.44
CA ALA C 45 14.33 -43.27 -21.32
C ALA C 45 15.16 -43.42 -22.58
N ALA C 46 14.96 -44.54 -23.27
CA ALA C 46 15.85 -44.92 -24.37
C ALA C 46 15.81 -43.93 -25.53
N SER C 47 14.70 -43.19 -25.70
CA SER C 47 14.52 -42.29 -26.84
C SER C 47 15.26 -40.96 -26.66
N ILE C 48 15.84 -40.72 -25.49
CA ILE C 48 16.56 -39.49 -25.19
C ILE C 48 17.99 -39.63 -25.69
N LYS C 49 18.40 -38.73 -26.58
CA LYS C 49 19.74 -38.81 -27.16
C LYS C 49 20.80 -38.35 -26.17
N ASP C 50 20.55 -37.24 -25.46
CA ASP C 50 21.52 -36.67 -24.52
C ASP C 50 21.55 -37.51 -23.24
N ARG C 51 22.60 -38.30 -23.06
CA ARG C 51 22.62 -39.22 -21.93
C ARG C 51 23.07 -38.57 -20.63
N SER C 52 23.22 -37.24 -20.58
CA SER C 52 23.36 -36.53 -19.32
C SER C 52 22.01 -36.21 -18.68
N ILE C 53 20.91 -36.52 -19.36
CA ILE C 53 19.56 -36.25 -18.87
C ILE C 53 19.10 -37.42 -18.00
N PRO C 54 18.60 -37.20 -16.80
CA PRO C 54 18.02 -38.28 -16.00
C PRO C 54 16.54 -38.45 -16.30
N THR C 55 15.94 -39.50 -15.71
CA THR C 55 14.49 -39.65 -15.78
C THR C 55 13.82 -38.59 -14.92
N PHE C 56 14.31 -38.43 -13.70
CA PHE C 56 13.78 -37.46 -12.75
C PHE C 56 14.71 -36.24 -12.72
N SER C 57 14.15 -35.06 -12.86
CA SER C 57 14.92 -33.83 -12.73
C SER C 57 15.62 -33.78 -11.38
N ARG C 58 16.95 -33.62 -11.43
CA ARG C 58 17.82 -33.60 -10.25
C ARG C 58 18.93 -32.59 -10.55
N GLY C 59 18.73 -31.34 -10.12
CA GLY C 59 19.70 -30.31 -10.39
C GLY C 59 19.07 -29.14 -11.13
N GLU C 60 19.88 -28.50 -11.96
CA GLU C 60 19.48 -27.25 -12.58
C GLU C 60 18.31 -27.45 -13.53
N LEU C 61 18.33 -28.52 -14.32
CA LEU C 61 17.44 -28.66 -15.46
C LEU C 61 16.34 -29.69 -15.21
N PRO C 62 15.13 -29.49 -15.76
CA PRO C 62 14.75 -28.24 -16.45
C PRO C 62 14.52 -27.09 -15.49
N HIS C 63 14.66 -25.87 -15.99
CA HIS C 63 14.53 -24.72 -15.10
C HIS C 63 13.14 -24.61 -14.52
N TYR C 64 12.11 -24.92 -15.31
CA TYR C 64 10.73 -24.82 -14.86
C TYR C 64 10.33 -25.94 -13.91
N ALA C 65 11.18 -26.94 -13.72
CA ALA C 65 10.84 -28.11 -12.93
C ALA C 65 11.63 -28.13 -11.62
N GLY C 66 11.29 -29.09 -10.77
CA GLY C 66 12.11 -29.35 -9.60
C GLY C 66 11.66 -28.60 -8.36
N ILE C 67 12.21 -29.02 -7.22
CA ILE C 67 11.95 -28.39 -5.94
C ILE C 67 12.71 -27.07 -5.88
N ASN C 68 12.04 -26.00 -5.43
CA ASN C 68 12.57 -24.65 -5.60
C ASN C 68 13.38 -24.17 -4.39
N THR C 69 14.62 -24.67 -4.31
CA THR C 69 15.64 -24.01 -3.52
C THR C 69 16.20 -22.83 -4.30
N PHE C 70 17.03 -22.01 -3.65
CA PHE C 70 17.60 -20.89 -4.35
C PHE C 70 18.58 -21.39 -5.42
N MET C 71 18.37 -21.00 -6.67
CA MET C 71 19.14 -21.47 -7.82
C MET C 71 19.22 -22.99 -7.92
N LYS C 72 18.26 -23.66 -7.30
CA LYS C 72 18.25 -25.11 -7.17
C LYS C 72 19.51 -25.63 -6.49
N ALA C 73 20.10 -24.82 -5.63
CA ALA C 73 21.22 -25.27 -4.82
C ALA C 73 20.76 -26.36 -3.87
N PRO C 74 21.69 -27.16 -3.36
CA PRO C 74 21.34 -28.18 -2.36
C PRO C 74 20.67 -27.58 -1.14
N TYR C 75 19.64 -28.28 -0.66
CA TYR C 75 19.02 -27.94 0.61
C TYR C 75 19.84 -28.57 1.72
N LEU C 76 20.20 -27.76 2.71
CA LEU C 76 20.98 -28.25 3.85
C LEU C 76 20.01 -28.44 4.99
N GLU C 77 19.50 -29.66 5.13
CA GLU C 77 18.55 -29.93 6.20
C GLU C 77 19.19 -29.77 7.56
N ASP C 78 20.38 -30.33 7.73
CA ASP C 78 21.09 -30.26 9.01
C ASP C 78 21.91 -28.98 9.03
N VAL C 79 21.31 -27.92 9.60
CA VAL C 79 21.94 -26.60 9.62
C VAL C 79 23.18 -26.58 10.48
N ARG C 80 23.39 -27.59 11.34
CA ARG C 80 24.63 -27.68 12.07
C ARG C 80 25.83 -27.93 11.16
N GLU C 81 25.60 -28.39 9.92
CA GLU C 81 26.67 -28.65 8.96
C GLU C 81 26.94 -27.45 8.06
N VAL C 82 26.37 -26.28 8.36
CA VAL C 82 26.46 -25.15 7.43
C VAL C 82 27.90 -24.69 7.22
N GLY C 83 28.77 -24.87 8.22
CA GLY C 83 30.16 -24.46 8.12
C GLY C 83 30.93 -25.12 7.00
N LYS C 84 30.35 -26.13 6.36
CA LYS C 84 31.00 -26.81 5.25
C LYS C 84 30.80 -26.12 3.90
N TYR C 85 29.96 -25.09 3.85
CA TYR C 85 29.63 -24.40 2.61
C TYR C 85 30.23 -23.01 2.58
N ASP C 86 30.56 -22.55 1.38
CA ASP C 86 31.07 -21.19 1.24
C ASP C 86 29.99 -20.16 1.47
N VAL C 87 28.78 -20.41 0.97
CA VAL C 87 27.68 -19.48 1.02
C VAL C 87 26.44 -20.22 1.49
N ALA C 88 25.68 -19.61 2.37
CA ALA C 88 24.42 -20.16 2.85
C ALA C 88 23.32 -19.14 2.58
N ILE C 89 22.38 -19.51 1.72
CA ILE C 89 21.19 -18.71 1.52
C ILE C 89 20.23 -18.99 2.67
N VAL C 90 19.76 -17.94 3.32
CA VAL C 90 18.82 -18.12 4.42
C VAL C 90 17.66 -17.15 4.21
N GLY C 91 16.43 -17.68 4.23
CA GLY C 91 15.26 -16.84 4.12
C GLY C 91 14.84 -16.33 5.49
N VAL C 92 14.38 -15.09 5.52
CA VAL C 92 13.85 -14.53 6.76
C VAL C 92 12.43 -14.06 6.46
N PRO C 93 11.44 -14.95 6.50
CA PRO C 93 10.06 -14.61 6.11
C PRO C 93 9.37 -13.81 7.21
N HIS C 94 9.68 -12.52 7.24
CA HIS C 94 9.31 -11.66 8.35
C HIS C 94 8.71 -10.39 7.77
N ASP C 95 7.43 -10.14 8.05
CA ASP C 95 6.86 -8.84 7.68
C ASP C 95 6.09 -8.22 8.83
N SER C 96 6.47 -8.56 10.06
CA SER C 96 5.88 -7.90 11.22
C SER C 96 6.42 -6.49 11.41
N GLY C 97 7.43 -6.07 10.65
CA GLY C 97 7.92 -4.71 10.72
C GLY C 97 7.41 -3.79 9.63
N THR C 98 6.42 -4.23 8.84
CA THR C 98 5.94 -3.44 7.71
C THR C 98 4.94 -2.38 8.15
N THR C 99 5.16 -1.14 7.72
CA THR C 99 4.29 -0.03 8.11
C THR C 99 3.26 0.34 7.07
N TYR C 100 3.32 -0.28 5.88
CA TYR C 100 2.25 -0.07 4.91
C TYR C 100 1.78 -1.44 4.41
N ARG C 101 2.29 -1.92 3.24
CA ARG C 101 1.85 -3.22 2.76
C ARG C 101 2.66 -4.34 3.41
N PRO C 102 2.00 -5.41 3.88
CA PRO C 102 2.74 -6.63 4.23
C PRO C 102 2.92 -7.48 2.99
N GLY C 103 3.39 -8.71 3.15
CA GLY C 103 3.59 -9.64 2.05
C GLY C 103 5.03 -10.02 1.84
N THR C 104 5.98 -9.22 2.30
CA THR C 104 7.38 -9.60 2.15
C THR C 104 7.75 -10.78 3.05
N ARG C 105 6.84 -11.29 3.91
CA ARG C 105 7.10 -12.62 4.47
C ARG C 105 7.20 -13.67 3.36
N PHE C 106 6.66 -13.39 2.17
CA PHE C 106 6.80 -14.31 1.05
C PHE C 106 7.99 -13.98 0.16
N GLY C 107 8.75 -12.93 0.48
CA GLY C 107 9.96 -12.60 -0.25
C GLY C 107 10.88 -13.78 -0.55
N PRO C 108 11.23 -14.56 0.49
CA PRO C 108 12.11 -15.71 0.24
C PRO C 108 11.53 -16.69 -0.75
N GLN C 109 10.22 -16.93 -0.68
CA GLN C 109 9.59 -17.83 -1.64
C GLN C 109 9.64 -17.25 -3.05
N GLY C 110 9.30 -15.97 -3.21
CA GLY C 110 9.34 -15.36 -4.52
C GLY C 110 10.74 -15.39 -5.12
N ILE C 111 11.74 -15.07 -4.31
CA ILE C 111 13.11 -15.09 -4.81
C ILE C 111 13.52 -16.50 -5.19
N ARG C 112 13.21 -17.48 -4.35
CA ARG C 112 13.53 -18.85 -4.69
C ARG C 112 12.87 -19.27 -6.00
N ARG C 113 11.60 -18.90 -6.18
CA ARG C 113 10.86 -19.35 -7.36
C ARG C 113 11.52 -18.86 -8.66
N ILE C 114 11.74 -17.55 -8.77
CA ILE C 114 12.24 -16.98 -10.02
C ILE C 114 13.73 -17.27 -10.21
N SER C 115 14.44 -17.62 -9.15
CA SER C 115 15.86 -17.93 -9.27
C SER C 115 16.08 -19.22 -10.04
N ALA C 116 15.04 -20.04 -10.25
CA ALA C 116 15.16 -21.20 -11.13
C ALA C 116 15.54 -20.82 -12.54
N LEU C 117 15.28 -19.58 -12.92
CA LEU C 117 15.58 -19.11 -14.25
C LEU C 117 17.07 -19.02 -14.50
N TYR C 118 17.86 -18.91 -13.45
CA TYR C 118 19.28 -18.59 -13.56
C TYR C 118 20.14 -19.84 -13.70
N THR C 119 21.21 -19.71 -14.46
CA THR C 119 22.31 -20.67 -14.39
C THR C 119 23.31 -20.19 -13.36
N PRO C 120 24.23 -21.07 -12.93
CA PRO C 120 25.29 -20.61 -12.02
C PRO C 120 26.33 -19.72 -12.70
N TYR C 121 26.21 -19.44 -13.99
CA TYR C 121 27.27 -18.81 -14.76
C TYR C 121 26.86 -17.41 -15.17
N ASN C 122 27.76 -16.44 -14.95
CA ASN C 122 27.59 -15.06 -15.35
C ASN C 122 28.51 -14.76 -16.53
N PHE C 123 27.92 -14.32 -17.64
CA PHE C 123 28.67 -14.13 -18.89
C PHE C 123 29.75 -13.05 -18.74
N GLU C 124 29.32 -11.82 -18.43
CA GLU C 124 30.27 -10.70 -18.42
C GLU C 124 31.43 -10.95 -17.48
N MET C 125 31.16 -11.56 -16.31
CA MET C 125 32.18 -11.72 -15.30
C MET C 125 32.96 -13.02 -15.39
N GLY C 126 32.50 -13.97 -16.20
CA GLY C 126 33.25 -15.23 -16.30
C GLY C 126 33.32 -15.99 -15.01
N VAL C 127 32.23 -15.96 -14.25
CA VAL C 127 32.12 -16.67 -12.98
C VAL C 127 31.12 -17.79 -13.21
N ASP C 128 31.41 -18.95 -12.64
CA ASP C 128 30.46 -20.05 -12.60
C ASP C 128 30.41 -20.51 -11.14
N LEU C 129 29.32 -20.18 -10.45
CA LEU C 129 29.23 -20.47 -9.04
C LEU C 129 29.22 -21.97 -8.79
N ARG C 130 28.74 -22.76 -9.76
CA ARG C 130 28.75 -24.21 -9.57
C ARG C 130 30.16 -24.77 -9.60
N GLU C 131 31.09 -24.08 -10.27
CA GLU C 131 32.47 -24.55 -10.33
C GLU C 131 33.36 -23.92 -9.26
N GLN C 132 32.99 -22.77 -8.71
CA GLN C 132 33.93 -21.97 -7.92
C GLN C 132 33.60 -21.83 -6.45
N ILE C 133 32.37 -22.13 -6.02
CA ILE C 133 32.01 -22.12 -4.60
C ILE C 133 31.08 -23.30 -4.32
N SER C 134 30.90 -23.59 -3.02
CA SER C 134 29.86 -24.48 -2.55
C SER C 134 28.73 -23.62 -1.98
N LEU C 135 27.52 -23.85 -2.46
CA LEU C 135 26.37 -23.05 -2.10
C LEU C 135 25.30 -23.96 -1.52
N CYS C 136 24.68 -23.55 -0.43
CA CYS C 136 23.55 -24.31 0.08
C CYS C 136 22.40 -23.37 0.40
N ASP C 137 21.22 -23.94 0.47
CA ASP C 137 20.03 -23.22 0.89
C ASP C 137 19.61 -23.86 2.20
N VAL C 138 19.68 -23.11 3.31
CA VAL C 138 19.34 -23.70 4.60
C VAL C 138 17.87 -23.49 4.92
N GLY C 139 17.09 -22.97 3.98
CA GLY C 139 15.69 -22.70 4.26
C GLY C 139 15.50 -21.38 5.01
N ASP C 140 14.49 -21.36 5.89
CA ASP C 140 13.98 -20.13 6.49
C ASP C 140 14.14 -20.11 8.01
N ILE C 141 14.36 -18.92 8.55
CA ILE C 141 14.18 -18.71 9.99
C ILE C 141 12.72 -18.91 10.31
N PHE C 142 12.46 -19.52 11.48
CA PHE C 142 11.12 -19.68 12.05
C PHE C 142 10.75 -18.33 12.67
N THR C 143 10.15 -17.47 11.86
CA THR C 143 9.78 -16.14 12.29
C THR C 143 8.48 -16.18 13.12
N ILE C 144 8.20 -15.07 13.81
CA ILE C 144 7.11 -14.99 14.77
C ILE C 144 6.24 -13.82 14.37
N PRO C 145 5.23 -14.01 13.53
CA PRO C 145 4.51 -12.85 12.96
C PRO C 145 3.83 -11.97 14.01
N ALA C 146 3.41 -12.53 15.14
CA ALA C 146 2.63 -11.78 16.12
C ALA C 146 3.50 -11.08 17.16
N ASN C 147 4.83 -11.18 17.05
CA ASN C 147 5.71 -10.59 18.06
C ASN C 147 7.03 -10.26 17.38
N ASN C 148 7.16 -9.01 16.94
CA ASN C 148 8.32 -8.58 16.18
C ASN C 148 9.61 -8.88 16.95
N GLU C 149 9.58 -8.70 18.26
CA GLU C 149 10.80 -8.82 19.07
C GLU C 149 11.24 -10.28 19.22
N LYS C 150 10.28 -11.20 19.41
CA LYS C 150 10.60 -12.62 19.39
C LYS C 150 11.18 -13.04 18.04
N SER C 151 10.61 -12.54 16.95
CA SER C 151 11.13 -12.86 15.64
C SER C 151 12.55 -12.34 15.46
N PHE C 152 12.82 -11.12 15.95
CA PHE C 152 14.20 -10.61 16.03
C PHE C 152 15.14 -11.61 16.70
N ASP C 153 14.73 -12.16 17.84
CA ASP C 153 15.57 -13.08 18.59
C ASP C 153 15.83 -14.36 17.81
N GLN C 154 14.82 -14.85 17.10
CA GLN C 154 15.01 -15.98 16.20
C GLN C 154 16.00 -15.64 15.10
N ILE C 155 15.82 -14.49 14.45
CA ILE C 155 16.69 -14.10 13.34
C ILE C 155 18.14 -13.99 13.80
N SER C 156 18.38 -13.30 14.93
CA SER C 156 19.73 -13.13 15.45
C SER C 156 20.37 -14.47 15.75
N LYS C 157 19.62 -15.39 16.37
CA LYS C 157 20.22 -16.67 16.71
C LYS C 157 20.65 -17.42 15.44
N GLY C 158 19.79 -17.42 14.41
CA GLY C 158 20.11 -18.16 13.21
C GLY C 158 21.25 -17.55 12.42
N ILE C 159 21.24 -16.22 12.26
CA ILE C 159 22.33 -15.57 11.52
C ILE C 159 23.65 -15.73 12.28
N ALA C 160 23.59 -15.66 13.61
CA ALA C 160 24.79 -15.89 14.41
C ALA C 160 25.31 -17.30 14.20
N HIS C 161 24.40 -18.26 14.07
CA HIS C 161 24.83 -19.62 13.81
C HIS C 161 25.58 -19.71 12.48
N ILE C 162 24.98 -19.22 11.40
CA ILE C 162 25.61 -19.31 10.09
C ILE C 162 26.91 -18.51 10.06
N PHE C 163 26.86 -17.27 10.55
CA PHE C 163 28.04 -16.40 10.49
C PHE C 163 29.21 -17.01 11.24
N SER C 164 28.97 -17.51 12.46
CA SER C 164 30.08 -18.05 13.24
C SER C 164 30.61 -19.35 12.67
N SER C 165 29.83 -20.02 11.81
CA SER C 165 30.30 -21.25 11.19
C SER C 165 31.35 -21.01 10.12
N GLY C 166 31.49 -19.78 9.63
CA GLY C 166 32.38 -19.50 8.52
C GLY C 166 31.69 -19.42 7.18
N ALA C 167 30.44 -19.88 7.08
CA ALA C 167 29.68 -19.72 5.85
C ALA C 167 29.31 -18.25 5.67
N PHE C 168 29.37 -17.78 4.42
CA PHE C 168 28.99 -16.40 4.12
C PHE C 168 27.48 -16.33 4.06
N PRO C 169 26.82 -15.52 4.92
CA PRO C 169 25.35 -15.49 4.96
C PRO C 169 24.75 -14.55 3.95
N ILE C 170 23.82 -15.04 3.14
CA ILE C 170 22.99 -14.19 2.29
C ILE C 170 21.56 -14.33 2.72
N ILE C 171 20.96 -13.22 3.15
CA ILE C 171 19.64 -13.21 3.78
C ILE C 171 18.61 -12.78 2.75
N LEU C 172 17.56 -13.59 2.57
CA LEU C 172 16.42 -13.23 1.75
C LEU C 172 15.32 -12.69 2.68
N GLY C 173 15.03 -11.39 2.62
CA GLY C 173 13.98 -10.80 3.42
C GLY C 173 12.61 -10.95 2.77
N GLY C 174 11.57 -10.60 3.50
CA GLY C 174 11.68 -10.05 4.85
C GLY C 174 11.83 -8.56 4.80
N ASP C 175 11.12 -7.85 5.70
CA ASP C 175 11.19 -6.41 5.70
C ASP C 175 12.47 -5.92 6.39
N HIS C 176 12.74 -4.64 6.28
CA HIS C 176 14.05 -4.16 6.70
C HIS C 176 14.20 -4.04 8.19
N SER C 177 13.13 -4.24 8.98
CA SER C 177 13.33 -4.33 10.42
C SER C 177 14.34 -5.43 10.74
N ILE C 178 14.50 -6.42 9.86
CA ILE C 178 15.44 -7.49 10.13
C ILE C 178 16.89 -7.01 10.09
N GLY C 179 17.14 -5.81 9.57
CA GLY C 179 18.48 -5.25 9.62
C GLY C 179 19.04 -5.18 11.03
N PHE C 180 18.18 -4.94 12.03
CA PHE C 180 18.71 -4.92 13.39
C PHE C 180 19.08 -6.32 13.85
N PRO C 181 18.19 -7.33 13.82
CA PRO C 181 18.58 -8.64 14.33
C PRO C 181 19.64 -9.35 13.48
N THR C 182 19.68 -9.11 12.17
CA THR C 182 20.74 -9.72 11.36
C THR C 182 22.11 -9.18 11.76
N VAL C 183 22.24 -7.85 11.81
CA VAL C 183 23.51 -7.25 12.24
C VAL C 183 23.81 -7.57 13.69
N ARG C 184 22.78 -7.65 14.54
CA ARG C 184 23.02 -8.05 15.92
C ARG C 184 23.60 -9.46 15.98
N GLY C 185 23.10 -10.37 15.14
CA GLY C 185 23.66 -11.71 15.11
C GLY C 185 25.13 -11.72 14.72
N ILE C 186 25.50 -10.93 13.71
CA ILE C 186 26.91 -10.76 13.34
C ILE C 186 27.70 -10.22 14.53
N CYS C 187 27.20 -9.14 15.14
CA CYS C 187 27.97 -8.48 16.19
C CYS C 187 28.14 -9.37 17.41
N ARG C 188 27.27 -10.35 17.63
CA ARG C 188 27.51 -11.28 18.71
C ARG C 188 28.82 -12.02 18.54
N HIS C 189 29.35 -12.11 17.32
CA HIS C 189 30.57 -12.86 17.05
C HIS C 189 31.70 -11.99 16.50
N LEU C 190 31.59 -10.66 16.59
CA LEU C 190 32.63 -9.76 16.10
C LEU C 190 33.66 -9.42 17.17
N GLY C 191 33.44 -9.80 18.42
CA GLY C 191 34.36 -9.43 19.47
C GLY C 191 34.44 -7.93 19.57
N ASP C 192 35.63 -7.39 19.38
CA ASP C 192 35.83 -5.95 19.40
C ASP C 192 35.93 -5.35 17.99
N LYS C 193 35.75 -6.15 16.95
CA LYS C 193 35.81 -5.64 15.59
C LYS C 193 34.57 -4.81 15.29
N LYS C 194 34.69 -3.92 14.30
CA LYS C 194 33.61 -3.05 13.86
C LYS C 194 33.14 -3.45 12.47
N VAL C 195 31.84 -3.23 12.23
CA VAL C 195 31.23 -3.50 10.94
C VAL C 195 30.67 -2.18 10.40
N GLY C 196 31.07 -1.83 9.18
CA GLY C 196 30.45 -0.72 8.48
C GLY C 196 29.25 -1.22 7.71
N ILE C 197 28.19 -0.44 7.68
CA ILE C 197 26.95 -0.84 7.04
C ILE C 197 26.79 -0.03 5.77
N ILE C 198 26.61 -0.72 4.65
CA ILE C 198 26.36 -0.08 3.37
C ILE C 198 24.91 -0.38 3.00
N HIS C 199 24.10 0.67 3.02
CA HIS C 199 22.65 0.58 3.09
C HIS C 199 22.10 1.20 1.81
N PHE C 200 21.57 0.37 0.91
CA PHE C 200 20.95 0.85 -0.32
C PHE C 200 19.45 1.03 -0.06
N ASP C 201 18.94 2.25 -0.29
CA ASP C 201 17.61 2.58 0.17
C ASP C 201 17.18 3.99 -0.25
N ARG C 202 15.88 4.20 -0.45
CA ARG C 202 15.35 5.56 -0.46
C ARG C 202 15.09 6.09 0.94
N HIS C 203 15.04 5.21 1.94
CA HIS C 203 14.58 5.59 3.27
C HIS C 203 15.66 5.33 4.31
N VAL C 204 15.79 6.23 5.30
CA VAL C 204 16.96 6.19 6.19
C VAL C 204 16.90 5.05 7.20
N ASP C 205 15.70 4.66 7.66
CA ASP C 205 15.53 3.51 8.56
C ASP C 205 16.30 3.68 9.87
N THR C 206 16.34 4.91 10.39
CA THR C 206 17.13 5.24 11.57
C THR C 206 16.30 5.78 12.75
N GLN C 207 14.99 5.71 12.71
CA GLN C 207 14.23 6.25 13.84
C GLN C 207 14.09 5.21 14.96
N GLU C 208 13.66 5.67 16.14
CA GLU C 208 13.69 4.79 17.33
C GLU C 208 12.50 3.82 17.32
N THR C 209 11.28 4.32 17.20
CA THR C 209 10.12 3.47 17.11
C THR C 209 9.17 4.00 16.06
N ASP C 210 8.30 3.10 15.58
CA ASP C 210 7.26 3.41 14.62
C ASP C 210 6.08 2.54 14.99
N LEU C 211 4.89 3.14 15.10
CA LEU C 211 3.71 2.41 15.59
C LEU C 211 4.05 1.68 16.88
N ASP C 212 4.82 2.35 17.74
CA ASP C 212 5.22 1.92 19.08
C ASP C 212 6.18 0.72 19.10
N GLU C 213 6.81 0.36 17.99
CA GLU C 213 7.65 -0.83 17.95
C GLU C 213 8.88 -0.57 17.10
N ARG C 214 9.78 -1.56 17.04
CA ARG C 214 11.03 -1.44 16.25
C ARG C 214 10.83 -2.03 14.86
N MET C 215 10.28 -1.19 13.98
CA MET C 215 9.81 -1.63 12.67
C MET C 215 10.87 -1.36 11.61
N HIS C 216 10.49 -1.51 10.34
CA HIS C 216 11.49 -1.43 9.28
C HIS C 216 12.01 -0.01 9.04
N THR C 217 11.38 1.00 9.64
CA THR C 217 11.93 2.35 9.69
C THR C 217 12.95 2.52 10.80
N CYS C 218 13.23 1.45 11.59
CA CYS C 218 14.02 1.62 12.79
C CYS C 218 15.31 0.80 12.91
N PRO C 219 15.69 -0.10 11.98
CA PRO C 219 16.78 -1.02 12.32
C PRO C 219 18.09 -0.33 12.64
N TRP C 220 18.45 0.74 11.95
CA TRP C 220 19.77 1.31 12.15
C TRP C 220 19.85 2.21 13.37
N PHE C 221 18.71 2.71 13.88
CA PHE C 221 18.76 3.31 15.21
C PHE C 221 19.33 2.30 16.20
N HIS C 222 18.85 1.07 16.13
CA HIS C 222 19.20 0.10 17.15
C HIS C 222 20.46 -0.67 16.83
N ALA C 223 20.73 -0.92 15.55
CA ALA C 223 22.01 -1.52 15.18
C ALA C 223 23.17 -0.64 15.64
N THR C 224 23.10 0.66 15.33
CA THR C 224 24.21 1.56 15.66
C THR C 224 24.23 1.96 17.13
N ASN C 225 23.28 1.50 17.93
CA ASN C 225 23.46 1.56 19.37
C ASN C 225 24.50 0.56 19.85
N MET C 226 24.81 -0.44 19.04
CA MET C 226 25.81 -1.43 19.39
C MET C 226 27.21 -0.87 19.16
N ALA C 227 28.11 -1.19 20.08
CA ALA C 227 29.49 -0.73 19.99
C ALA C 227 30.13 -1.17 18.69
N ASN C 228 29.78 -2.38 18.20
CA ASN C 228 30.42 -2.94 17.02
C ASN C 228 29.96 -2.33 15.70
N ALA C 229 28.89 -1.53 15.68
CA ALA C 229 28.36 -0.98 14.43
C ALA C 229 28.27 0.53 14.56
N PRO C 230 29.33 1.25 14.22
CA PRO C 230 29.31 2.71 14.41
C PRO C 230 28.43 3.39 13.37
N ALA C 231 27.59 4.31 13.85
CA ALA C 231 26.78 5.13 12.95
C ALA C 231 27.65 5.93 11.98
N LYS C 232 28.84 6.36 12.41
CA LYS C 232 29.73 7.12 11.55
C LYS C 232 30.21 6.32 10.34
N ASN C 233 30.06 5.00 10.37
CA ASN C 233 30.39 4.15 9.24
C ASN C 233 29.16 3.66 8.49
N LEU C 234 27.97 4.16 8.84
CA LEU C 234 26.76 3.81 8.12
C LEU C 234 26.70 4.65 6.84
N VAL C 235 26.61 3.99 5.71
CA VAL C 235 26.50 4.66 4.42
C VAL C 235 25.13 4.37 3.85
N GLN C 236 24.43 5.42 3.42
CA GLN C 236 23.04 5.32 2.99
C GLN C 236 22.95 5.90 1.58
N LEU C 237 22.74 5.03 0.60
CA LEU C 237 22.81 5.39 -0.81
C LEU C 237 21.42 5.39 -1.42
N GLY C 238 20.98 6.56 -1.88
CA GLY C 238 19.72 6.70 -2.59
C GLY C 238 18.60 7.40 -1.84
N ILE C 239 18.89 7.98 -0.68
CA ILE C 239 17.84 8.53 0.18
C ILE C 239 17.07 9.61 -0.56
N GLY C 240 15.74 9.54 -0.50
CA GLY C 240 14.95 10.60 -1.08
C GLY C 240 13.49 10.21 -1.21
N GLY C 241 12.70 11.20 -1.61
CA GLY C 241 11.29 11.03 -1.84
C GLY C 241 10.44 11.61 -0.73
N TRP C 242 9.20 11.13 -0.66
CA TRP C 242 8.18 11.61 0.27
C TRP C 242 7.91 10.64 1.41
N GLN C 243 8.73 9.60 1.57
CA GLN C 243 8.53 8.63 2.63
C GLN C 243 9.67 8.58 3.64
N VAL C 244 10.66 9.45 3.53
CA VAL C 244 11.74 9.50 4.51
C VAL C 244 11.22 10.17 5.78
N PRO C 245 11.15 9.46 6.90
CA PRO C 245 10.52 10.07 8.09
C PRO C 245 11.41 11.10 8.73
N ARG C 246 10.80 12.20 9.20
CA ARG C 246 11.60 13.28 9.78
C ARG C 246 12.32 12.85 11.05
N GLN C 247 11.70 11.93 11.83
CA GLN C 247 12.38 11.42 13.03
C GLN C 247 13.69 10.72 12.66
N GLY C 248 13.66 9.90 11.62
CA GLY C 248 14.88 9.24 11.15
C GLY C 248 15.93 10.22 10.64
N VAL C 249 15.48 11.26 9.92
CA VAL C 249 16.42 12.28 9.44
C VAL C 249 17.15 12.93 10.61
N LYS C 250 16.42 13.21 11.71
CA LYS C 250 17.05 13.76 12.90
C LYS C 250 18.20 12.89 13.36
N VAL C 251 17.96 11.58 13.46
CA VAL C 251 18.96 10.66 13.98
C VAL C 251 20.17 10.62 13.06
N CYS C 252 19.93 10.60 11.74
CA CYS C 252 21.04 10.65 10.79
C CYS C 252 21.90 11.89 11.02
N ARG C 253 21.25 13.03 11.29
CA ARG C 253 22.00 14.26 11.51
C ARG C 253 22.75 14.22 12.84
N GLU C 254 22.11 13.75 13.90
CA GLU C 254 22.76 13.73 15.21
C GLU C 254 23.86 12.68 15.26
N ARG C 255 23.71 11.57 14.55
CA ARG C 255 24.72 10.52 14.58
C ARG C 255 25.72 10.62 13.44
N ALA C 256 25.53 11.59 12.54
CA ALA C 256 26.44 11.82 11.42
C ALA C 256 26.59 10.58 10.53
N THR C 257 25.48 10.07 10.03
CA THR C 257 25.57 9.03 9.03
C THR C 257 25.94 9.66 7.68
N ASN C 258 26.33 8.80 6.73
CA ASN C 258 26.87 9.27 5.45
C ASN C 258 25.86 8.99 4.35
N ILE C 259 25.27 10.06 3.80
CA ILE C 259 24.10 9.94 2.93
C ILE C 259 24.43 10.52 1.57
N LEU C 260 23.95 9.85 0.52
CA LEU C 260 23.92 10.40 -0.84
C LEU C 260 22.52 10.19 -1.37
N THR C 261 21.94 11.24 -1.94
CA THR C 261 20.66 11.10 -2.63
C THR C 261 20.89 10.52 -4.02
N VAL C 262 19.79 10.18 -4.71
CA VAL C 262 19.91 9.70 -6.08
C VAL C 262 20.52 10.77 -6.97
N THR C 263 20.09 12.01 -6.78
CA THR C 263 20.68 13.10 -7.55
C THR C 263 22.18 13.23 -7.25
N ASP C 264 22.55 13.17 -5.97
CA ASP C 264 23.98 13.17 -5.61
C ASP C 264 24.73 12.10 -6.41
N ILE C 265 24.19 10.88 -6.42
CA ILE C 265 24.88 9.75 -7.04
C ILE C 265 25.03 9.96 -8.54
N THR C 266 23.95 10.37 -9.22
CA THR C 266 24.04 10.54 -10.67
C THR C 266 24.87 11.77 -11.02
N GLU C 267 24.85 12.82 -10.19
CA GLU C 267 25.62 14.02 -10.51
C GLU C 267 27.11 13.82 -10.27
N MET C 268 27.49 13.14 -9.19
CA MET C 268 28.91 12.99 -8.87
C MET C 268 29.59 11.87 -9.65
N SER C 269 28.80 11.05 -10.37
CA SER C 269 29.18 9.83 -11.10
C SER C 269 29.13 8.61 -10.17
N LEU C 270 28.79 7.46 -10.75
CA LEU C 270 28.67 6.23 -9.96
C LEU C 270 29.99 5.87 -9.30
N ASP C 271 31.10 6.06 -10.01
CA ASP C 271 32.42 5.75 -9.47
C ASP C 271 32.74 6.61 -8.25
N ALA C 272 32.38 7.90 -8.31
CA ALA C 272 32.63 8.76 -7.16
C ALA C 272 31.70 8.40 -6.00
N ALA C 273 30.46 8.03 -6.30
CA ALA C 273 29.56 7.59 -5.25
C ALA C 273 30.07 6.31 -4.59
N ALA C 274 30.53 5.35 -5.39
CA ALA C 274 31.11 4.14 -4.81
C ALA C 274 32.38 4.47 -4.01
N ASP C 275 33.24 5.35 -4.54
CA ASP C 275 34.39 5.81 -3.77
C ASP C 275 33.96 6.34 -2.40
N PHE C 276 32.96 7.21 -2.39
CA PHE C 276 32.44 7.77 -1.14
C PHE C 276 31.97 6.68 -0.18
N ALA C 277 31.22 5.71 -0.70
CA ALA C 277 30.70 4.63 0.14
C ALA C 277 31.83 3.76 0.68
N ILE C 278 32.82 3.47 -0.16
CA ILE C 278 33.93 2.60 0.25
C ILE C 278 34.74 3.26 1.34
N ALA C 279 35.08 4.54 1.15
CA ALA C 279 35.91 5.24 2.12
C ALA C 279 35.21 5.38 3.46
N ARG C 280 33.91 5.70 3.46
CA ARG C 280 33.22 5.97 4.72
C ARG C 280 32.90 4.70 5.50
N ALA C 281 32.51 3.62 4.79
CA ALA C 281 32.09 2.42 5.49
C ALA C 281 33.29 1.64 6.05
N THR C 282 34.47 1.77 5.42
CA THR C 282 35.63 1.01 5.84
C THR C 282 36.58 1.80 6.74
N ASP C 283 36.30 3.08 6.96
CA ASP C 283 37.15 3.91 7.81
C ASP C 283 37.06 3.52 9.27
N GLY C 284 37.96 2.65 9.74
CA GLY C 284 37.92 2.19 11.12
C GLY C 284 37.07 0.96 11.37
N THR C 285 36.62 0.26 10.34
CA THR C 285 35.89 -0.99 10.50
C THR C 285 36.71 -2.14 9.94
N ASP C 286 36.29 -3.35 10.28
CA ASP C 286 36.98 -4.57 9.90
C ASP C 286 36.27 -5.35 8.81
N CYS C 287 34.98 -5.11 8.63
CA CYS C 287 34.24 -5.71 7.54
C CYS C 287 33.04 -4.81 7.27
N VAL C 288 32.29 -5.12 6.23
CA VAL C 288 31.13 -4.32 5.85
CA VAL C 288 31.15 -4.32 5.80
C VAL C 288 29.94 -5.24 5.64
N TRP C 289 28.77 -4.75 6.06
CA TRP C 289 27.51 -5.46 5.92
C TRP C 289 26.70 -4.77 4.84
N ILE C 290 26.19 -5.54 3.88
CA ILE C 290 25.43 -5.00 2.76
C ILE C 290 23.95 -5.21 3.04
N SER C 291 23.20 -4.13 3.15
CA SER C 291 21.76 -4.16 3.39
C SER C 291 21.09 -3.47 2.20
N PHE C 292 20.46 -4.25 1.33
CA PHE C 292 19.94 -3.75 0.07
C PHE C 292 18.42 -3.77 0.14
N ASP C 293 17.81 -2.60 0.27
CA ASP C 293 16.37 -2.47 0.19
C ASP C 293 15.99 -2.40 -1.28
N ILE C 294 15.18 -3.36 -1.74
CA ILE C 294 14.85 -3.44 -3.15
C ILE C 294 14.16 -2.17 -3.64
N ASP C 295 13.52 -1.41 -2.74
CA ASP C 295 12.82 -0.20 -3.16
C ASP C 295 13.77 0.97 -3.45
N CYS C 296 15.08 0.79 -3.29
CA CYS C 296 15.97 1.84 -3.77
C CYS C 296 15.97 1.91 -5.29
N ILE C 297 15.57 0.82 -5.96
CA ILE C 297 15.34 0.84 -7.39
C ILE C 297 14.05 1.58 -7.68
N ASP C 298 14.03 2.33 -8.78
CA ASP C 298 12.81 3.01 -9.21
C ASP C 298 11.61 2.08 -9.23
N ALA C 299 10.48 2.61 -8.72
CA ALA C 299 9.25 1.84 -8.55
C ALA C 299 8.82 1.10 -9.81
N GLY C 300 9.09 1.66 -10.99
CA GLY C 300 8.67 0.99 -12.21
C GLY C 300 9.33 -0.35 -12.42
N PHE C 301 10.41 -0.62 -11.69
CA PHE C 301 11.09 -1.92 -11.79
C PHE C 301 10.78 -2.84 -10.64
N VAL C 302 10.24 -2.31 -9.55
CA VAL C 302 10.05 -3.12 -8.34
C VAL C 302 8.65 -2.87 -7.76
N PRO C 303 7.58 -3.08 -8.53
CA PRO C 303 6.25 -2.86 -7.97
C PRO C 303 5.93 -3.75 -6.78
N GLY C 304 6.58 -4.90 -6.67
CA GLY C 304 6.32 -5.82 -5.56
C GLY C 304 7.07 -5.47 -4.29
N THR C 305 6.75 -4.33 -3.69
CA THR C 305 7.41 -3.90 -2.48
C THR C 305 6.47 -3.02 -1.68
N GLY C 306 6.78 -2.86 -0.39
CA GLY C 306 5.87 -2.14 0.49
C GLY C 306 5.90 -0.63 0.33
N TRP C 307 7.06 -0.07 -0.01
CA TRP C 307 7.28 1.38 -0.10
C TRP C 307 7.88 1.79 -1.44
N PRO C 308 7.20 1.54 -2.57
CA PRO C 308 7.79 1.94 -3.86
C PRO C 308 7.91 3.46 -3.90
N GLU C 309 8.89 3.93 -4.67
CA GLU C 309 9.07 5.36 -4.81
C GLU C 309 9.64 5.62 -6.20
N PRO C 310 9.02 6.50 -6.98
CA PRO C 310 9.61 6.89 -8.28
C PRO C 310 10.90 7.65 -8.08
N GLY C 311 11.67 7.73 -9.17
CA GLY C 311 12.90 8.50 -9.12
C GLY C 311 14.05 7.82 -8.44
N GLY C 312 14.01 6.50 -8.29
CA GLY C 312 15.08 5.76 -7.66
C GLY C 312 16.20 5.44 -8.65
N LEU C 313 17.05 4.51 -8.24
CA LEU C 313 18.14 4.06 -9.09
C LEU C 313 17.62 3.18 -10.21
N LEU C 314 18.25 3.31 -11.40
CA LEU C 314 17.96 2.35 -12.46
C LEU C 314 18.76 1.08 -12.22
N PRO C 315 18.29 -0.06 -12.72
CA PRO C 315 18.99 -1.32 -12.44
C PRO C 315 20.49 -1.30 -12.75
N ARG C 316 20.90 -0.77 -13.91
CA ARG C 316 22.32 -0.80 -14.23
C ARG C 316 23.12 0.11 -13.33
N GLU C 317 22.49 1.16 -12.79
CA GLU C 317 23.17 2.04 -11.84
C GLU C 317 23.43 1.32 -10.52
N ALA C 318 22.39 0.71 -9.95
CA ALA C 318 22.55 -0.03 -8.70
C ALA C 318 23.52 -1.18 -8.87
N LEU C 319 23.45 -1.90 -10.00
CA LEU C 319 24.33 -3.05 -10.19
C LEU C 319 25.79 -2.63 -10.35
N TYR C 320 26.05 -1.48 -11.00
CA TYR C 320 27.43 -1.02 -11.09
C TYR C 320 27.96 -0.59 -9.73
N LEU C 321 27.13 0.07 -8.91
CA LEU C 321 27.57 0.42 -7.57
C LEU C 321 27.97 -0.82 -6.79
N LEU C 322 27.18 -1.89 -6.90
CA LEU C 322 27.51 -3.16 -6.24
C LEU C 322 28.82 -3.72 -6.78
N LYS C 323 29.01 -3.66 -8.10
CA LYS C 323 30.28 -4.09 -8.66
C LYS C 323 31.45 -3.38 -7.98
N ARG C 324 31.37 -2.06 -7.87
CA ARG C 324 32.47 -1.33 -7.24
C ARG C 324 32.57 -1.64 -5.76
N ILE C 325 31.44 -1.68 -5.06
CA ILE C 325 31.47 -1.77 -3.61
C ILE C 325 31.82 -3.19 -3.14
N ILE C 326 31.22 -4.22 -3.74
CA ILE C 326 31.48 -5.57 -3.25
C ILE C 326 32.94 -5.96 -3.48
N ARG C 327 33.51 -5.57 -4.64
CA ARG C 327 34.85 -6.01 -4.99
C ARG C 327 35.93 -5.33 -4.18
N GLU C 328 35.63 -4.20 -3.54
CA GLU C 328 36.68 -3.40 -2.89
C GLU C 328 36.49 -3.27 -1.38
N THR C 329 35.58 -4.05 -0.79
CA THR C 329 35.41 -4.11 0.65
C THR C 329 35.42 -5.56 1.10
N ASN C 330 35.78 -5.77 2.37
CA ASN C 330 35.74 -7.08 2.99
C ASN C 330 34.32 -7.28 3.52
N VAL C 331 33.52 -8.05 2.79
CA VAL C 331 32.10 -8.20 3.08
C VAL C 331 31.89 -9.41 3.98
N CYS C 332 31.11 -9.23 5.06
CA CYS C 332 30.85 -10.32 5.99
C CYS C 332 29.46 -10.94 5.83
N GLY C 333 28.60 -10.34 5.04
CA GLY C 333 27.27 -10.89 4.77
C GLY C 333 26.43 -9.88 4.04
N MET C 334 25.27 -10.35 3.58
CA MET C 334 24.35 -9.48 2.85
C MET C 334 22.91 -9.91 3.08
N GLU C 335 22.01 -8.91 3.08
CA GLU C 335 20.56 -9.12 3.08
C GLU C 335 19.95 -8.27 1.98
N VAL C 336 18.96 -8.83 1.30
CA VAL C 336 18.16 -8.13 0.30
C VAL C 336 16.73 -8.16 0.78
N VAL C 337 16.16 -6.99 1.05
CA VAL C 337 14.92 -6.93 1.80
C VAL C 337 13.82 -6.25 1.00
N GLU C 338 12.60 -6.45 1.51
CA GLU C 338 11.33 -5.81 1.15
C GLU C 338 10.74 -6.32 -0.15
N VAL C 339 11.22 -7.42 -0.70
CA VAL C 339 10.53 -8.04 -1.83
C VAL C 339 9.21 -8.59 -1.33
N SER C 340 8.12 -8.15 -1.95
CA SER C 340 6.77 -8.51 -1.52
C SER C 340 6.00 -9.13 -2.67
N PRO C 341 6.03 -10.45 -2.83
CA PRO C 341 5.46 -11.09 -4.03
C PRO C 341 3.98 -10.80 -4.26
N PRO C 342 3.13 -10.70 -3.22
CA PRO C 342 1.71 -10.45 -3.52
C PRO C 342 1.44 -9.18 -4.32
N TYR C 343 2.36 -8.22 -4.33
CA TYR C 343 2.20 -6.99 -5.11
C TYR C 343 3.03 -6.98 -6.39
N ASP C 344 3.72 -8.07 -6.69
CA ASP C 344 4.62 -8.17 -7.84
C ASP C 344 3.84 -8.53 -9.11
N ILE C 345 4.49 -8.36 -10.26
CA ILE C 345 3.95 -8.88 -11.53
C ILE C 345 5.00 -9.84 -12.09
N SER C 346 4.61 -11.10 -12.24
CA SER C 346 5.45 -12.14 -12.85
C SER C 346 6.86 -12.12 -12.27
N ASP C 347 6.94 -11.91 -10.95
CA ASP C 347 8.19 -11.98 -10.19
C ASP C 347 9.26 -10.99 -10.67
N MET C 348 8.85 -9.90 -11.34
CA MET C 348 9.77 -8.84 -11.76
C MET C 348 10.65 -8.36 -10.61
N THR C 349 10.03 -8.12 -9.44
CA THR C 349 10.75 -7.59 -8.28
C THR C 349 11.64 -8.65 -7.65
N SER C 350 11.14 -9.88 -7.50
CA SER C 350 11.97 -10.99 -7.03
C SER C 350 13.16 -11.24 -7.96
N LEU C 351 12.97 -10.98 -9.26
CA LEU C 351 14.05 -11.18 -10.22
C LEU C 351 15.16 -10.15 -10.01
N MET C 352 14.79 -8.89 -9.81
CA MET C 352 15.76 -7.87 -9.46
C MET C 352 16.54 -8.26 -8.21
N ALA C 353 15.85 -8.77 -7.19
CA ALA C 353 16.54 -9.17 -5.97
C ALA C 353 17.48 -10.32 -6.23
N THR C 354 17.04 -11.30 -7.03
CA THR C 354 17.90 -12.42 -7.34
C THR C 354 19.16 -11.96 -8.05
N ARG C 355 19.02 -11.00 -8.97
CA ARG C 355 20.17 -10.47 -9.69
C ARG C 355 21.16 -9.79 -8.76
N VAL C 356 20.66 -9.01 -7.79
CA VAL C 356 21.52 -8.40 -6.76
C VAL C 356 22.26 -9.48 -6.00
N ILE C 357 21.54 -10.53 -5.59
CA ILE C 357 22.15 -11.61 -4.83
C ILE C 357 23.24 -12.30 -5.63
N CYS C 358 22.92 -12.72 -6.85
CA CYS C 358 23.88 -13.48 -7.66
C CYS C 358 25.05 -12.61 -8.06
N ASP C 359 24.78 -11.37 -8.48
CA ASP C 359 25.89 -10.46 -8.80
C ASP C 359 26.85 -10.37 -7.63
N THR C 360 26.31 -10.24 -6.41
CA THR C 360 27.16 -10.07 -5.24
C THR C 360 28.07 -11.28 -5.05
N MET C 361 27.53 -12.49 -5.19
CA MET C 361 28.39 -13.68 -5.09
C MET C 361 29.49 -13.64 -6.13
N ALA C 362 29.15 -13.29 -7.38
CA ALA C 362 30.16 -13.22 -8.42
C ALA C 362 31.25 -12.20 -8.08
N HIS C 363 30.87 -11.06 -7.51
CA HIS C 363 31.87 -10.06 -7.13
C HIS C 363 32.76 -10.58 -6.00
N LEU C 364 32.18 -11.31 -5.05
CA LEU C 364 32.98 -11.92 -3.99
C LEU C 364 33.97 -12.93 -4.57
N VAL C 365 33.57 -13.64 -5.63
CA VAL C 365 34.47 -14.60 -6.28
C VAL C 365 35.54 -13.87 -7.08
N VAL C 366 35.14 -12.88 -7.89
CA VAL C 366 36.10 -12.14 -8.71
C VAL C 366 37.15 -11.48 -7.84
N SER C 367 36.74 -10.90 -6.71
CA SER C 367 37.68 -10.21 -5.86
C SER C 367 38.41 -11.16 -4.92
N GLY C 368 38.20 -12.46 -5.05
CA GLY C 368 38.95 -13.41 -4.23
C GLY C 368 38.48 -13.51 -2.79
N GLN C 369 37.30 -12.99 -2.48
CA GLN C 369 36.77 -13.11 -1.12
C GLN C 369 36.15 -14.49 -0.88
N LEU C 370 35.68 -15.14 -1.94
CA LEU C 370 35.13 -16.47 -1.88
C LEU C 370 35.74 -17.31 -2.99
N PRO C 371 36.07 -18.58 -2.73
CA PRO C 371 35.93 -19.25 -1.44
C PRO C 371 36.94 -18.73 -0.43
N ARG C 372 36.62 -18.80 0.85
CA ARG C 372 37.58 -18.39 1.86
C ARG C 372 38.53 -19.54 2.13
N THR C 373 39.81 -19.22 2.20
CA THR C 373 40.83 -20.22 2.54
C THR C 373 41.00 -20.42 4.04
N GLU C 374 40.27 -19.66 4.87
CA GLU C 374 40.32 -19.74 6.32
C GLU C 374 39.25 -18.83 6.89
N LYS C 375 38.82 -19.12 8.12
CA LYS C 375 37.84 -18.27 8.77
C LYS C 375 38.42 -16.86 8.97
N PRO C 376 37.63 -15.82 8.78
CA PRO C 376 38.14 -14.45 8.89
C PRO C 376 38.57 -14.11 10.30
N ALA C 377 39.46 -13.11 10.40
CA ALA C 377 39.98 -12.71 11.70
C ALA C 377 38.90 -12.17 12.61
N TYR C 378 37.85 -11.56 12.05
CA TYR C 378 36.84 -10.95 12.89
C TYR C 378 35.83 -11.93 13.46
N ILE C 379 35.81 -13.19 13.02
CA ILE C 379 34.82 -14.14 13.49
C ILE C 379 35.31 -14.76 14.80
N HIS C 380 34.65 -14.41 15.91
CA HIS C 380 34.90 -15.00 17.22
C HIS C 380 33.92 -16.14 17.48
N ALA C 381 34.41 -17.21 18.11
CA ALA C 381 33.60 -18.41 18.28
C ALA C 381 32.52 -18.22 19.33
N GLU C 382 32.86 -17.59 20.46
CA GLU C 382 31.93 -17.44 21.57
C GLU C 382 30.96 -16.31 21.29
N ALA C 383 29.69 -16.52 21.64
CA ALA C 383 28.64 -15.55 21.37
C ALA C 383 28.63 -14.49 22.47
N ASN C 384 28.51 -13.22 22.04
CA ASN C 384 28.43 -12.09 22.94
C ASN C 384 26.95 -11.68 23.04
N MET C 385 26.23 -12.37 23.94
CA MET C 385 24.78 -12.23 24.01
C MET C 385 24.31 -10.87 24.52
N ALA C 386 25.22 -10.01 24.99
CA ALA C 386 24.86 -8.71 25.52
C ALA C 386 25.28 -7.57 24.60
N VAL C 387 25.49 -7.85 23.31
CA VAL C 387 25.87 -6.80 22.36
C VAL C 387 24.82 -5.71 22.27
N ASP C 388 23.56 -6.04 22.54
CA ASP C 388 22.47 -5.06 22.43
C ASP C 388 21.78 -4.82 23.78
CL CL D . -9.63 2.78 -1.92
NI NI E . -11.18 -19.65 8.84
NI NI F . -11.41 -18.01 11.54
AS CAC G . -8.79 -18.82 10.50
O1 CAC G . -8.36 -18.30 8.85
O2 CAC G . -10.32 -19.67 10.56
C1 CAC G . -7.32 -19.80 11.33
C2 CAC G . -8.86 -17.26 11.56
C1 EDO H . -25.96 4.81 3.90
O1 EDO H . -26.68 4.77 5.16
C2 EDO H . -26.25 6.15 3.21
O2 EDO H . -25.69 6.18 1.89
C1 EDO I . -30.77 -21.75 -0.20
O1 EDO I . -30.35 -22.18 -1.50
C2 EDO I . -31.65 -20.50 -0.26
O2 EDO I . -32.95 -20.76 0.29
C1 EDO J . -34.49 -11.04 18.48
O1 EDO J . -35.10 -11.63 19.64
C2 EDO J . -35.32 -9.83 18.04
O2 EDO J . -35.43 -8.89 19.11
C1 PEG K . -22.64 -34.15 -0.63
O1 PEG K . -22.73 -34.53 0.74
C2 PEG K . -22.61 -32.66 -0.78
O2 PEG K . -23.31 -32.27 -1.95
C3 PEG K . -23.90 -30.97 -1.86
C4 PEG K . -24.74 -30.87 -0.62
O4 PEG K . -25.88 -30.03 -0.80
NI NI L . -3.12 13.76 -23.31
NI NI M . -1.16 11.24 -23.88
AS CAC N . -4.21 11.47 -24.74
O1 CAC N . -4.10 9.91 -23.94
O2 CAC N . -2.65 12.24 -24.78
C1 CAC N . -5.01 11.25 -26.52
C2 CAC N . -5.44 12.59 -23.81
C1 EDO O . -1.62 16.05 6.40
O1 EDO O . -1.93 14.74 6.88
C2 EDO O . -1.32 15.98 4.91
O2 EDO O . -1.01 17.31 4.41
CL CL P . 6.86 -21.46 -5.42
NI NI Q . 13.13 1.50 1.60
NI NI R . 14.65 0.08 4.01
AS CAC S . 11.89 0.84 4.49
O1 CAC S . 10.80 0.05 3.38
O2 CAC S . 13.13 1.73 3.65
C1 CAC S . 10.83 1.91 5.76
C2 CAC S . 12.72 -0.49 5.52
C1 EDO T . 23.75 -24.94 -8.20
O1 EDO T . 22.96 -25.26 -9.35
C2 EDO T . 24.28 -23.51 -8.32
O2 EDO T . 25.22 -23.25 -7.27
#